data_3THT
#
_entry.id   3THT
#
_cell.length_a   150.166
_cell.length_b   73.279
_cell.length_c   149.814
_cell.angle_alpha   90.00
_cell.angle_beta   112.73
_cell.angle_gamma   90.00
#
_symmetry.space_group_name_H-M   'C 1 2 1'
#
loop_
_entity.id
_entity.type
_entity.pdbx_description
1 polymer 'Alkylated DNA repair protein alkB homolog 8'
2 non-polymer 'ZINC ION'
3 non-polymer 'MANGANESE (II) ION'
4 non-polymer '2-OXOGLUTARIC ACID'
5 water water
#
_entity_poly.entity_id   1
_entity_poly.type   'polypeptide(L)'
_entity_poly.pdbx_seq_one_letter_code
;AKHTLLRHEGIETVSYATQSLVVANGGLGNGVSRNQLLPVLEKCGLVDALLMPPNKPYSFARYRTTEESKRAYVTLNGKE
VVDDLGQKITLYLNFVEKVQWKELRPQALPPGLMVVEEIISSEEEKMLLESVDWTEDTDNQNSQKSLKHRRVKHFGYEFH
YENNNVDKDKPLSGGLPDICESFLEKWLRKGYIKHKPDQMTINQYEPGQGIPAHIDTHSAFEDEIVSLSLGSEIVMDFKH
PDGIAVPVMLPRRSLLVMTGESRYLWTHGITCRKFDTVQASESLKSGIITSDVGDLTLSKRGLRTSFTFRKVRQTPCNCS
YPLVCDSQRKENLYFQGLEHHHHHH
;
_entity_poly.pdbx_strand_id   A,B,C,D
#
loop_
_chem_comp.id
_chem_comp.type
_chem_comp.name
_chem_comp.formula
AKG non-polymer '2-OXOGLUTARIC ACID' 'C5 H6 O5'
MN non-polymer 'MANGANESE (II) ION' 'Mn 2'
ZN non-polymer 'ZINC ION' 'Zn 2'
#
# COMPACT_ATOMS: atom_id res chain seq x y z
N THR A 4 -26.05 13.91 0.44
CA THR A 4 -25.79 12.45 0.56
C THR A 4 -25.57 11.98 2.01
N LEU A 5 -24.65 12.64 2.72
CA LEU A 5 -24.33 12.34 4.12
C LEU A 5 -23.93 13.62 4.85
N LEU A 6 -23.39 14.54 4.08
CA LEU A 6 -22.95 15.85 4.54
C LEU A 6 -24.02 16.51 5.39
N ARG A 7 -25.26 16.05 5.24
CA ARG A 7 -26.38 16.59 5.99
C ARG A 7 -26.14 16.40 7.48
N HIS A 8 -25.84 15.17 7.90
CA HIS A 8 -25.58 14.89 9.31
C HIS A 8 -24.22 15.46 9.75
N GLU A 9 -23.33 15.61 8.78
CA GLU A 9 -22.01 16.12 9.02
C GLU A 9 -21.99 17.63 9.27
N GLY A 10 -23.13 18.28 9.10
CA GLY A 10 -23.19 19.72 9.29
C GLY A 10 -22.45 20.52 8.23
N ILE A 11 -22.53 20.10 6.98
CA ILE A 11 -21.85 20.79 5.91
C ILE A 11 -22.86 21.39 4.95
N GLU A 12 -22.94 22.72 4.89
CA GLU A 12 -23.91 23.37 3.98
C GLU A 12 -23.34 23.53 2.57
N THR A 13 -24.14 23.17 1.57
CA THR A 13 -23.71 23.27 0.19
C THR A 13 -24.55 24.27 -0.61
N VAL A 14 -23.97 24.86 -1.65
CA VAL A 14 -24.70 25.80 -2.47
C VAL A 14 -24.77 25.31 -3.89
N SER A 15 -25.74 25.82 -4.64
CA SER A 15 -25.93 25.42 -6.03
C SER A 15 -25.27 26.32 -7.06
N TYR A 16 -24.42 27.23 -6.61
CA TYR A 16 -23.73 28.12 -7.54
C TYR A 16 -22.21 27.99 -7.32
N ALA A 17 -21.44 28.22 -8.37
CA ALA A 17 -19.99 28.10 -8.28
C ALA A 17 -19.40 29.01 -7.22
N THR A 18 -18.39 28.49 -6.51
CA THR A 18 -17.68 29.23 -5.46
C THR A 18 -16.25 28.76 -5.48
N GLN A 19 -15.35 29.53 -4.87
CA GLN A 19 -13.94 29.15 -4.86
C GLN A 19 -13.65 27.89 -4.07
N SER A 20 -14.49 27.61 -3.08
CA SER A 20 -14.29 26.45 -2.23
C SER A 20 -15.31 25.37 -2.47
N LEU A 21 -14.92 24.14 -2.19
CA LEU A 21 -15.83 23.01 -2.32
C LEU A 21 -15.44 21.83 -1.45
N VAL A 22 -16.44 21.07 -1.02
CA VAL A 22 -16.21 19.91 -0.19
C VAL A 22 -15.95 18.71 -1.10
N VAL A 23 -14.97 17.89 -0.71
CA VAL A 23 -14.63 16.71 -1.48
C VAL A 23 -14.94 15.45 -0.69
N ALA A 24 -16.13 14.91 -0.94
CA ALA A 24 -16.62 13.71 -0.29
C ALA A 24 -15.70 12.53 -0.59
N ASN A 25 -15.48 11.69 0.44
CA ASN A 25 -14.62 10.52 0.29
C ASN A 25 -13.19 10.89 -0.01
N GLY A 26 -12.85 12.17 0.13
CA GLY A 26 -11.49 12.58 -0.14
C GLY A 26 -10.80 12.99 1.14
N GLY A 27 -11.23 12.43 2.26
CA GLY A 27 -10.63 12.80 3.53
C GLY A 27 -9.65 11.79 4.08
N LEU A 28 -8.92 12.17 5.13
CA LEU A 28 -7.96 11.28 5.74
C LEU A 28 -8.67 10.09 6.36
N GLY A 29 -9.83 10.35 6.96
CA GLY A 29 -10.59 9.29 7.58
C GLY A 29 -11.16 8.29 6.59
N ASN A 30 -10.78 8.41 5.33
CA ASN A 30 -11.29 7.51 4.34
C ASN A 30 -10.15 6.77 3.67
N GLY A 31 -8.93 7.16 4.02
CA GLY A 31 -7.77 6.51 3.46
C GLY A 31 -7.14 7.29 2.34
N VAL A 32 -7.61 8.51 2.14
CA VAL A 32 -7.06 9.34 1.07
C VAL A 32 -6.00 10.26 1.67
N SER A 33 -4.78 10.21 1.15
CA SER A 33 -3.70 11.05 1.66
C SER A 33 -3.63 12.39 0.92
N ARG A 34 -2.94 13.34 1.52
CA ARG A 34 -2.78 14.65 0.90
C ARG A 34 -1.94 14.54 -0.36
N ASN A 35 -0.98 13.64 -0.36
CA ASN A 35 -0.12 13.47 -1.52
C ASN A 35 -0.90 12.80 -2.64
N GLN A 36 -2.05 12.24 -2.29
CA GLN A 36 -2.91 11.55 -3.24
C GLN A 36 -3.86 12.51 -3.94
N LEU A 37 -4.69 13.18 -3.15
CA LEU A 37 -5.70 14.11 -3.63
C LEU A 37 -5.18 15.39 -4.23
N LEU A 38 -4.25 16.03 -3.53
CA LEU A 38 -3.69 17.30 -3.97
C LEU A 38 -3.30 17.31 -5.44
N PRO A 39 -2.62 16.24 -5.91
CA PRO A 39 -2.22 16.18 -7.32
C PRO A 39 -3.43 16.21 -8.26
N VAL A 40 -4.42 15.40 -7.95
CA VAL A 40 -5.64 15.33 -8.75
C VAL A 40 -6.36 16.67 -8.79
N LEU A 41 -6.34 17.37 -7.67
CA LEU A 41 -7.01 18.66 -7.59
C LEU A 41 -6.32 19.75 -8.44
N GLU A 42 -5.00 19.80 -8.36
CA GLU A 42 -4.23 20.80 -9.08
C GLU A 42 -4.34 20.65 -10.59
N LYS A 43 -4.77 19.47 -11.01
CA LYS A 43 -4.93 19.19 -12.43
C LYS A 43 -6.04 20.06 -13.03
N CYS A 44 -6.80 20.74 -12.18
CA CYS A 44 -7.89 21.62 -12.62
C CYS A 44 -7.59 23.10 -12.36
N GLY A 45 -6.54 23.36 -11.60
CA GLY A 45 -6.19 24.73 -11.32
C GLY A 45 -5.19 24.91 -10.20
N LEU A 46 -5.08 26.15 -9.75
CA LEU A 46 -4.17 26.51 -8.68
C LEU A 46 -4.90 26.33 -7.35
N VAL A 47 -4.54 25.28 -6.61
CA VAL A 47 -5.19 25.01 -5.33
C VAL A 47 -4.57 25.83 -4.22
N ASP A 48 -5.29 26.85 -3.79
CA ASP A 48 -4.84 27.75 -2.73
C ASP A 48 -4.81 27.09 -1.36
N ALA A 49 -5.62 26.05 -1.16
CA ALA A 49 -5.66 25.38 0.12
C ALA A 49 -6.42 24.05 0.05
N LEU A 50 -5.89 23.06 0.76
CA LEU A 50 -6.52 21.76 0.82
C LEU A 50 -6.67 21.46 2.29
N LEU A 51 -7.86 21.71 2.83
CA LEU A 51 -8.11 21.48 4.24
C LEU A 51 -8.63 20.05 4.47
N MET A 52 -7.84 19.27 5.18
CA MET A 52 -8.16 17.87 5.46
C MET A 52 -8.34 17.57 6.94
N PRO A 53 -9.56 17.74 7.46
CA PRO A 53 -9.81 17.47 8.86
C PRO A 53 -9.56 15.99 9.15
N PRO A 54 -8.86 15.68 10.25
CA PRO A 54 -8.55 14.31 10.65
C PRO A 54 -9.77 13.46 11.01
N ASN A 55 -9.67 12.18 10.71
CA ASN A 55 -10.73 11.22 10.97
C ASN A 55 -12.04 11.58 10.29
N LYS A 56 -11.94 12.26 9.15
CA LYS A 56 -13.13 12.62 8.40
C LYS A 56 -13.09 12.05 7.00
N PRO A 57 -14.21 11.51 6.53
CA PRO A 57 -14.31 10.92 5.20
C PRO A 57 -14.51 12.00 4.14
N TYR A 58 -13.77 13.11 4.28
CA TYR A 58 -13.88 14.21 3.34
C TYR A 58 -12.89 15.33 3.65
N SER A 59 -12.63 16.16 2.65
CA SER A 59 -11.74 17.29 2.83
C SER A 59 -12.25 18.47 2.02
N PHE A 60 -11.67 19.64 2.27
CA PHE A 60 -12.10 20.85 1.59
C PHE A 60 -11.02 21.42 0.70
N ALA A 61 -11.42 21.82 -0.50
CA ALA A 61 -10.48 22.39 -1.45
C ALA A 61 -10.90 23.80 -1.82
N ARG A 62 -9.91 24.68 -1.95
CA ARG A 62 -10.18 26.06 -2.35
C ARG A 62 -9.24 26.47 -3.46
N TYR A 63 -9.79 26.95 -4.58
CA TYR A 63 -8.96 27.40 -5.72
C TYR A 63 -8.80 28.92 -5.75
N ARG A 64 -7.87 29.39 -6.57
CA ARG A 64 -7.63 30.82 -6.67
C ARG A 64 -8.84 31.52 -7.24
N THR A 65 -9.45 30.93 -8.26
CA THR A 65 -10.60 31.55 -8.89
C THR A 65 -11.81 30.63 -8.82
N THR A 66 -12.99 31.24 -8.82
CA THR A 66 -14.23 30.50 -8.76
C THR A 66 -14.45 29.70 -10.04
N GLU A 67 -13.76 30.11 -11.11
CA GLU A 67 -13.89 29.43 -12.39
C GLU A 67 -13.18 28.08 -12.36
N GLU A 68 -11.96 28.06 -11.80
CA GLU A 68 -11.17 26.83 -11.70
C GLU A 68 -11.91 25.79 -10.86
N SER A 69 -12.55 26.28 -9.81
CA SER A 69 -13.32 25.44 -8.93
C SER A 69 -14.43 24.75 -9.69
N LYS A 70 -15.14 25.51 -10.51
CA LYS A 70 -16.23 24.96 -11.30
C LYS A 70 -15.71 23.89 -12.24
N ARG A 71 -14.46 24.03 -12.67
CA ARG A 71 -13.86 23.05 -13.56
C ARG A 71 -13.73 21.72 -12.85
N ALA A 72 -13.28 21.81 -11.61
CA ALA A 72 -13.10 20.63 -10.76
C ALA A 72 -14.45 19.98 -10.49
N TYR A 73 -15.43 20.80 -10.17
CA TYR A 73 -16.76 20.30 -9.90
C TYR A 73 -17.30 19.49 -11.05
N VAL A 74 -17.07 19.96 -12.28
CA VAL A 74 -17.58 19.28 -13.46
C VAL A 74 -16.68 18.21 -14.06
N THR A 75 -15.41 18.16 -13.66
CA THR A 75 -14.52 17.17 -14.22
C THR A 75 -14.09 16.09 -13.25
N LEU A 76 -13.91 16.46 -11.97
CA LEU A 76 -13.48 15.51 -10.96
C LEU A 76 -14.64 14.79 -10.30
N ASN A 77 -15.83 15.34 -10.39
CA ASN A 77 -16.98 14.67 -9.78
C ASN A 77 -17.14 13.28 -10.34
N GLY A 78 -16.96 12.27 -9.50
CA GLY A 78 -17.11 10.91 -9.98
C GLY A 78 -15.81 10.19 -10.24
N LYS A 79 -14.71 10.95 -10.25
CA LYS A 79 -13.39 10.37 -10.48
C LYS A 79 -13.02 9.39 -9.37
N GLU A 80 -12.30 8.33 -9.75
CA GLU A 80 -11.89 7.34 -8.77
C GLU A 80 -10.45 7.55 -8.36
N VAL A 81 -10.15 7.12 -7.13
CA VAL A 81 -8.80 7.23 -6.58
C VAL A 81 -8.55 6.02 -5.69
N VAL A 82 -7.27 5.70 -5.52
CA VAL A 82 -6.88 4.56 -4.69
C VAL A 82 -6.33 4.99 -3.35
N ASP A 83 -6.91 4.43 -2.29
CA ASP A 83 -6.49 4.75 -0.94
C ASP A 83 -5.35 3.85 -0.51
N ASP A 84 -4.89 4.02 0.73
CA ASP A 84 -3.79 3.23 1.27
C ASP A 84 -4.21 1.77 1.48
N LEU A 85 -5.48 1.50 1.23
CA LEU A 85 -6.05 0.16 1.40
C LEU A 85 -6.03 -0.56 0.03
N GLY A 86 -5.52 0.12 -0.98
CA GLY A 86 -5.46 -0.44 -2.32
C GLY A 86 -6.86 -0.66 -2.85
N GLN A 87 -7.75 0.27 -2.56
CA GLN A 87 -9.13 0.15 -3.01
C GLN A 87 -9.54 1.34 -3.87
N LYS A 88 -10.63 1.15 -4.61
CA LYS A 88 -11.16 2.19 -5.48
C LYS A 88 -12.29 2.93 -4.79
N ILE A 89 -12.19 4.26 -4.80
CA ILE A 89 -13.21 5.11 -4.20
C ILE A 89 -13.46 6.31 -5.07
N THR A 90 -14.73 6.58 -5.33
CA THR A 90 -15.12 7.70 -6.17
C THR A 90 -15.28 8.98 -5.35
N LEU A 91 -14.91 10.10 -5.95
CA LEU A 91 -15.00 11.40 -5.29
C LEU A 91 -16.25 12.16 -5.71
N TYR A 92 -16.80 12.94 -4.78
CA TYR A 92 -17.98 13.74 -5.06
C TYR A 92 -17.76 15.13 -4.50
N LEU A 93 -17.65 16.12 -5.39
CA LEU A 93 -17.42 17.49 -4.97
C LEU A 93 -18.69 18.30 -4.99
N ASN A 94 -18.73 19.29 -4.11
CA ASN A 94 -19.87 20.20 -4.02
C ASN A 94 -19.44 21.57 -3.58
N PHE A 95 -20.10 22.59 -4.11
CA PHE A 95 -19.74 23.95 -3.74
C PHE A 95 -20.18 24.31 -2.33
N VAL A 96 -19.29 24.96 -1.58
CA VAL A 96 -19.63 25.38 -0.23
C VAL A 96 -19.32 26.85 -0.09
N GLU A 97 -20.18 27.56 0.65
CA GLU A 97 -19.97 28.98 0.84
C GLU A 97 -18.95 29.16 1.95
N LYS A 98 -19.01 28.29 2.94
CA LYS A 98 -18.10 28.35 4.05
C LYS A 98 -17.58 26.97 4.43
N VAL A 99 -16.37 26.93 4.96
CA VAL A 99 -15.76 25.68 5.34
C VAL A 99 -15.96 25.36 6.81
N GLN A 100 -16.94 24.53 7.10
CA GLN A 100 -17.19 24.15 8.49
C GLN A 100 -17.90 22.82 8.55
N TRP A 101 -17.67 22.08 9.64
CA TRP A 101 -18.30 20.78 9.83
C TRP A 101 -18.56 20.52 11.30
N LYS A 102 -19.29 19.44 11.60
CA LYS A 102 -19.61 19.09 12.99
C LYS A 102 -18.72 17.96 13.48
N GLU A 103 -18.30 18.06 14.74
CA GLU A 103 -17.48 17.04 15.37
C GLU A 103 -18.37 16.33 16.37
N LEU A 104 -18.47 15.01 16.26
CA LEU A 104 -19.30 14.23 17.18
C LEU A 104 -18.41 13.23 17.91
N ARG A 105 -18.68 13.04 19.20
CA ARG A 105 -17.91 12.13 20.05
C ARG A 105 -18.88 11.30 20.89
N PRO A 106 -19.40 10.20 20.34
CA PRO A 106 -20.34 9.36 21.08
C PRO A 106 -19.78 8.96 22.44
N GLN A 107 -20.63 9.05 23.46
CA GLN A 107 -20.25 8.70 24.82
C GLN A 107 -20.98 7.42 25.19
N ALA A 108 -21.84 6.98 24.28
CA ALA A 108 -22.67 5.78 24.48
C ALA A 108 -22.70 4.77 23.33
N LEU A 109 -22.60 3.49 23.66
CA LEU A 109 -22.67 2.46 22.63
C LEU A 109 -24.11 2.42 22.16
N PRO A 110 -24.32 1.98 20.93
CA PRO A 110 -25.70 1.93 20.45
C PRO A 110 -26.53 1.16 21.46
N PRO A 111 -27.71 1.66 21.81
CA PRO A 111 -28.55 0.97 22.78
C PRO A 111 -28.80 -0.50 22.49
N GLY A 112 -28.49 -1.32 23.48
CA GLY A 112 -28.67 -2.76 23.34
C GLY A 112 -27.41 -3.52 23.03
N LEU A 113 -26.29 -2.79 22.93
CA LEU A 113 -25.03 -3.43 22.63
C LEU A 113 -24.21 -3.48 23.91
N MET A 114 -23.42 -4.54 24.06
CA MET A 114 -22.60 -4.72 25.25
C MET A 114 -21.49 -5.73 25.02
N VAL A 115 -20.28 -5.35 25.40
CA VAL A 115 -19.14 -6.21 25.22
C VAL A 115 -18.63 -6.74 26.54
N VAL A 116 -18.78 -8.06 26.74
CA VAL A 116 -18.33 -8.73 27.96
C VAL A 116 -16.84 -9.03 27.77
N GLU A 117 -15.99 -8.37 28.57
CA GLU A 117 -14.54 -8.56 28.46
C GLU A 117 -14.02 -9.78 29.22
N GLU A 118 -13.00 -10.44 28.64
CA GLU A 118 -12.40 -11.64 29.23
C GLU A 118 -13.44 -12.74 29.49
N ILE A 119 -14.40 -12.86 28.59
CA ILE A 119 -15.46 -13.85 28.73
C ILE A 119 -14.86 -15.24 28.83
N ILE A 120 -13.80 -15.48 28.08
CA ILE A 120 -13.12 -16.76 28.09
C ILE A 120 -11.67 -16.54 28.51
N SER A 121 -11.01 -17.63 28.92
CA SER A 121 -9.62 -17.58 29.35
C SER A 121 -8.67 -17.73 28.17
N SER A 122 -7.38 -17.78 28.47
CA SER A 122 -6.38 -17.94 27.43
C SER A 122 -6.44 -19.35 26.83
N GLU A 123 -6.42 -20.35 27.69
CA GLU A 123 -6.48 -21.74 27.23
C GLU A 123 -7.82 -21.94 26.50
N GLU A 124 -8.89 -21.34 27.02
CA GLU A 124 -10.20 -21.48 26.38
C GLU A 124 -10.16 -20.86 24.98
N GLU A 125 -9.36 -19.80 24.82
CA GLU A 125 -9.22 -19.14 23.53
C GLU A 125 -8.41 -20.05 22.61
N LYS A 126 -7.20 -20.39 23.05
CA LYS A 126 -6.35 -21.29 22.27
C LYS A 126 -7.15 -22.52 21.80
N MET A 127 -7.88 -23.15 22.72
CA MET A 127 -8.65 -24.35 22.39
C MET A 127 -9.55 -24.17 21.18
N LEU A 128 -10.48 -23.23 21.29
CA LEU A 128 -11.44 -22.92 20.23
C LEU A 128 -10.76 -22.64 18.89
N LEU A 129 -9.64 -21.95 18.95
CA LEU A 129 -8.88 -21.61 17.76
C LEU A 129 -8.38 -22.88 17.07
N GLU A 130 -7.82 -23.79 17.85
CA GLU A 130 -7.30 -25.04 17.29
C GLU A 130 -8.33 -26.16 17.41
N SER A 131 -9.56 -25.87 16.98
CA SER A 131 -10.59 -26.88 17.05
C SER A 131 -11.63 -26.59 15.99
N VAL A 132 -11.23 -25.80 14.99
CA VAL A 132 -12.11 -25.42 13.89
C VAL A 132 -11.67 -25.97 12.55
N ASP A 133 -10.62 -25.40 11.98
CA ASP A 133 -10.08 -25.83 10.69
C ASP A 133 -11.17 -26.11 9.65
N ARG A 150 -11.90 -13.82 2.01
CA ARG A 150 -12.16 -13.93 3.44
C ARG A 150 -12.73 -15.30 3.80
N ARG A 151 -12.04 -16.04 4.66
CA ARG A 151 -12.51 -17.37 5.06
C ARG A 151 -13.81 -17.31 5.89
N VAL A 152 -14.79 -18.11 5.50
CA VAL A 152 -16.08 -18.14 6.19
C VAL A 152 -16.55 -19.57 6.41
N LYS A 153 -17.26 -19.81 7.50
CA LYS A 153 -17.74 -21.16 7.83
C LYS A 153 -19.08 -21.09 8.54
N HIS A 154 -20.08 -21.77 8.02
CA HIS A 154 -21.40 -21.77 8.64
C HIS A 154 -21.70 -23.06 9.42
N PHE A 155 -22.78 -23.03 10.20
CA PHE A 155 -23.22 -24.17 11.00
C PHE A 155 -24.74 -24.12 11.11
N GLY A 156 -25.30 -24.81 12.11
CA GLY A 156 -26.76 -24.82 12.28
C GLY A 156 -27.49 -25.40 11.08
N GLY A 175 -25.60 -30.02 14.68
CA GLY A 175 -25.27 -28.67 14.25
C GLY A 175 -24.22 -28.00 15.12
N LEU A 176 -24.64 -27.44 16.25
CA LEU A 176 -23.73 -26.77 17.16
C LEU A 176 -22.83 -27.79 17.86
N PRO A 177 -21.52 -27.78 17.55
CA PRO A 177 -20.55 -28.70 18.14
C PRO A 177 -20.39 -28.54 19.65
N ASP A 178 -20.39 -29.66 20.37
CA ASP A 178 -20.26 -29.60 21.81
C ASP A 178 -19.04 -28.82 22.25
N ILE A 179 -18.13 -28.60 21.30
CA ILE A 179 -16.91 -27.86 21.57
C ILE A 179 -17.24 -26.55 22.28
N CYS A 180 -18.47 -26.08 22.10
CA CYS A 180 -18.92 -24.84 22.69
C CYS A 180 -20.24 -24.96 23.42
N GLU A 181 -20.89 -26.11 23.31
CA GLU A 181 -22.16 -26.30 23.99
C GLU A 181 -21.85 -26.08 25.48
N SER A 182 -20.60 -26.34 25.83
CA SER A 182 -20.12 -26.17 27.20
C SER A 182 -20.10 -24.68 27.58
N PHE A 183 -19.58 -23.86 26.67
CA PHE A 183 -19.51 -22.43 26.90
C PHE A 183 -20.89 -21.79 26.89
N LEU A 184 -21.63 -22.00 25.82
CA LEU A 184 -22.98 -21.44 25.72
C LEU A 184 -23.76 -21.62 27.03
N GLU A 185 -23.74 -22.83 27.57
CA GLU A 185 -24.45 -23.12 28.81
C GLU A 185 -24.06 -22.13 29.90
N LYS A 186 -22.77 -21.87 30.04
CA LYS A 186 -22.27 -20.93 31.04
C LYS A 186 -22.76 -19.53 30.71
N TRP A 187 -22.74 -19.20 29.42
CA TRP A 187 -23.16 -17.88 28.91
C TRP A 187 -24.56 -17.56 29.47
N LEU A 188 -25.49 -18.49 29.29
CA LEU A 188 -26.85 -18.31 29.76
C LEU A 188 -26.93 -18.13 31.28
N ARG A 189 -26.32 -19.05 32.01
CA ARG A 189 -26.32 -19.00 33.47
C ARG A 189 -25.76 -17.68 33.96
N LYS A 190 -24.66 -17.26 33.34
CA LYS A 190 -24.02 -16.00 33.69
C LYS A 190 -25.00 -14.86 33.43
N GLY A 191 -25.85 -15.04 32.42
CA GLY A 191 -26.83 -14.02 32.08
C GLY A 191 -26.45 -13.17 30.88
N TYR A 192 -25.19 -13.30 30.45
CA TYR A 192 -24.66 -12.58 29.30
C TYR A 192 -25.63 -12.75 28.14
N ILE A 193 -26.17 -13.96 28.03
CA ILE A 193 -27.14 -14.28 26.98
C ILE A 193 -28.45 -14.79 27.61
N LYS A 194 -29.58 -14.55 26.94
CA LYS A 194 -30.86 -14.98 27.47
C LYS A 194 -31.47 -16.16 26.73
N HIS A 195 -30.97 -16.42 25.53
CA HIS A 195 -31.47 -17.52 24.70
C HIS A 195 -30.35 -18.32 24.09
N LYS A 196 -30.48 -19.63 24.11
CA LYS A 196 -29.46 -20.51 23.54
C LYS A 196 -29.60 -20.56 22.02
N PRO A 197 -28.53 -20.16 21.29
CA PRO A 197 -28.53 -20.16 19.82
C PRO A 197 -28.66 -21.54 19.23
N ASP A 198 -29.00 -21.58 17.95
CA ASP A 198 -29.15 -22.84 17.24
C ASP A 198 -28.45 -22.75 15.90
N GLN A 199 -27.57 -21.75 15.78
CA GLN A 199 -26.83 -21.52 14.53
C GLN A 199 -25.59 -20.71 14.85
N MET A 200 -24.49 -20.94 14.14
CA MET A 200 -23.28 -20.19 14.43
C MET A 200 -22.41 -20.02 13.20
N THR A 201 -21.82 -18.84 13.05
CA THR A 201 -20.97 -18.59 11.90
C THR A 201 -19.54 -18.30 12.34
N ILE A 202 -18.59 -18.80 11.57
CA ILE A 202 -17.18 -18.60 11.86
C ILE A 202 -16.57 -17.69 10.83
N ASN A 203 -15.97 -16.61 11.30
CA ASN A 203 -15.32 -15.68 10.40
C ASN A 203 -13.86 -15.55 10.79
N GLN A 204 -12.99 -15.59 9.79
CA GLN A 204 -11.57 -15.45 10.00
C GLN A 204 -11.11 -14.30 9.13
N TYR A 205 -10.64 -13.23 9.78
CA TYR A 205 -10.18 -12.07 9.03
C TYR A 205 -8.68 -11.91 9.11
N GLU A 206 -8.08 -11.55 8.00
CA GLU A 206 -6.63 -11.32 7.93
C GLU A 206 -6.33 -9.83 7.85
N PRO A 207 -5.22 -9.41 8.48
CA PRO A 207 -4.83 -7.99 8.46
C PRO A 207 -5.08 -7.30 7.11
N GLY A 208 -6.14 -6.51 7.04
CA GLY A 208 -6.50 -5.80 5.82
C GLY A 208 -7.92 -6.08 5.37
N GLN A 209 -8.32 -7.35 5.43
CA GLN A 209 -9.66 -7.76 5.03
C GLN A 209 -10.66 -7.71 6.18
N GLY A 210 -11.90 -7.36 5.84
CA GLY A 210 -12.93 -7.29 6.85
C GLY A 210 -14.29 -7.66 6.28
N ILE A 211 -15.30 -6.89 6.67
CA ILE A 211 -16.64 -7.14 6.21
C ILE A 211 -17.39 -5.84 6.11
N PRO A 212 -18.00 -5.59 4.95
CA PRO A 212 -18.77 -4.37 4.70
C PRO A 212 -19.93 -4.20 5.69
N ALA A 213 -20.35 -2.95 5.92
CA ALA A 213 -21.43 -2.71 6.87
C ALA A 213 -22.72 -3.39 6.47
N HIS A 214 -23.48 -3.83 7.46
CA HIS A 214 -24.71 -4.50 7.16
C HIS A 214 -25.48 -4.72 8.45
N ILE A 215 -26.65 -5.32 8.30
CA ILE A 215 -27.54 -5.63 9.40
C ILE A 215 -28.09 -7.06 9.18
N ASP A 216 -27.84 -7.95 10.14
CA ASP A 216 -28.28 -9.36 10.05
C ASP A 216 -29.77 -9.43 9.76
N THR A 217 -30.15 -10.29 8.84
CA THR A 217 -31.54 -10.38 8.46
C THR A 217 -32.54 -10.54 9.60
N HIS A 218 -33.58 -9.72 9.62
CA HIS A 218 -34.54 -9.80 10.70
C HIS A 218 -35.32 -11.09 10.72
N SER A 219 -35.86 -11.47 9.57
CA SER A 219 -36.65 -12.69 9.50
C SER A 219 -35.81 -13.94 9.66
N ALA A 220 -34.49 -13.79 9.66
CA ALA A 220 -33.58 -14.93 9.78
C ALA A 220 -33.17 -15.32 11.19
N PHE A 221 -33.06 -14.33 12.07
CA PHE A 221 -32.64 -14.60 13.44
C PHE A 221 -33.38 -13.77 14.45
N GLU A 222 -33.38 -14.23 15.68
CA GLU A 222 -34.04 -13.55 16.78
C GLU A 222 -33.28 -12.32 17.26
N ASP A 223 -33.85 -11.62 18.22
CA ASP A 223 -33.25 -10.41 18.79
C ASP A 223 -32.12 -10.71 19.77
N GLU A 224 -31.11 -11.43 19.34
CA GLU A 224 -30.01 -11.72 20.25
C GLU A 224 -28.93 -12.41 19.47
N ILE A 225 -27.95 -11.63 19.05
CA ILE A 225 -26.84 -12.19 18.29
C ILE A 225 -25.57 -11.77 19.00
N VAL A 226 -24.84 -12.78 19.47
CA VAL A 226 -23.60 -12.54 20.19
C VAL A 226 -22.40 -12.98 19.35
N SER A 227 -21.26 -12.34 19.57
CA SER A 227 -20.09 -12.68 18.81
C SER A 227 -18.82 -12.67 19.65
N LEU A 228 -18.17 -13.83 19.69
CA LEU A 228 -16.94 -14.03 20.45
C LEU A 228 -15.72 -13.79 19.56
N SER A 229 -14.95 -12.75 19.85
CA SER A 229 -13.77 -12.44 19.06
C SER A 229 -12.48 -12.96 19.68
N LEU A 230 -11.68 -13.68 18.89
CA LEU A 230 -10.42 -14.20 19.40
C LEU A 230 -9.30 -14.20 18.37
N GLY A 231 -8.07 -14.34 18.88
CA GLY A 231 -6.90 -14.34 18.03
C GLY A 231 -6.22 -12.99 17.98
N SER A 232 -6.96 -11.97 17.56
CA SER A 232 -6.41 -10.63 17.46
C SER A 232 -7.53 -9.60 17.55
N GLU A 233 -7.41 -8.64 18.46
CA GLU A 233 -8.44 -7.60 18.59
C GLU A 233 -8.66 -6.86 17.27
N ILE A 234 -9.81 -6.20 17.15
CA ILE A 234 -10.15 -5.46 15.93
C ILE A 234 -11.21 -4.39 16.28
N VAL A 235 -11.56 -3.54 15.32
CA VAL A 235 -12.55 -2.50 15.57
C VAL A 235 -13.75 -2.63 14.70
N MET A 236 -14.91 -2.82 15.30
CA MET A 236 -16.14 -2.98 14.54
C MET A 236 -16.83 -1.63 14.49
N ASP A 237 -17.31 -1.26 13.31
CA ASP A 237 -17.98 0.02 13.18
C ASP A 237 -19.49 -0.11 13.25
N PHE A 238 -20.12 0.70 14.08
CA PHE A 238 -21.57 0.64 14.19
C PHE A 238 -22.12 1.96 13.72
N LYS A 239 -23.06 1.93 12.80
CA LYS A 239 -23.60 3.19 12.33
C LYS A 239 -25.11 3.25 12.39
N HIS A 240 -25.62 4.44 12.73
CA HIS A 240 -27.05 4.71 12.82
C HIS A 240 -27.51 5.42 11.57
N PRO A 241 -28.70 5.07 11.06
CA PRO A 241 -29.17 5.72 9.83
C PRO A 241 -29.16 7.25 9.87
N ASP A 242 -29.62 7.84 10.97
CA ASP A 242 -29.65 9.29 11.10
C ASP A 242 -28.23 9.91 10.92
N GLY A 243 -27.18 9.11 11.12
CA GLY A 243 -25.83 9.59 10.96
C GLY A 243 -24.78 9.21 11.98
N ILE A 244 -25.17 8.99 13.24
CA ILE A 244 -24.23 8.63 14.32
C ILE A 244 -23.24 7.55 13.89
N ALA A 245 -21.99 7.67 14.32
CA ALA A 245 -20.99 6.68 13.95
C ALA A 245 -20.16 6.29 15.16
N VAL A 246 -20.32 5.04 15.60
CA VAL A 246 -19.61 4.54 16.77
C VAL A 246 -18.66 3.41 16.45
N PRO A 247 -17.35 3.68 16.50
CA PRO A 247 -16.30 2.70 16.23
C PRO A 247 -15.98 1.96 17.52
N VAL A 248 -16.53 0.76 17.64
CA VAL A 248 -16.34 -0.09 18.81
C VAL A 248 -15.15 -1.00 18.64
N MET A 249 -14.33 -1.12 19.67
CA MET A 249 -13.14 -1.94 19.63
C MET A 249 -13.33 -3.32 20.29
N LEU A 250 -13.42 -4.37 19.48
CA LEU A 250 -13.61 -5.70 20.00
C LEU A 250 -12.30 -6.39 20.30
N PRO A 251 -11.92 -6.45 21.59
CA PRO A 251 -10.67 -7.08 22.04
C PRO A 251 -10.78 -8.59 22.04
N ARG A 252 -9.64 -9.25 22.12
CA ARG A 252 -9.59 -10.72 22.14
C ARG A 252 -10.27 -11.30 23.37
N ARG A 253 -10.84 -12.48 23.21
CA ARG A 253 -11.49 -13.14 24.32
C ARG A 253 -12.70 -12.33 24.82
N SER A 254 -13.33 -11.57 23.94
CA SER A 254 -14.49 -10.75 24.35
C SER A 254 -15.77 -11.15 23.61
N LEU A 255 -16.90 -11.10 24.31
CA LEU A 255 -18.16 -11.47 23.68
C LEU A 255 -19.02 -10.28 23.37
N LEU A 256 -19.12 -9.92 22.11
CA LEU A 256 -19.95 -8.80 21.75
C LEU A 256 -21.39 -9.28 21.64
N VAL A 257 -22.25 -8.76 22.48
CA VAL A 257 -23.65 -9.16 22.45
C VAL A 257 -24.47 -8.00 21.94
N MET A 258 -25.07 -8.13 20.76
CA MET A 258 -25.86 -7.01 20.30
C MET A 258 -27.36 -7.35 20.22
N THR A 259 -28.16 -6.58 20.96
CA THR A 259 -29.60 -6.76 21.00
C THR A 259 -30.31 -5.45 20.72
N GLY A 260 -31.64 -5.53 20.61
CA GLY A 260 -32.48 -4.36 20.36
C GLY A 260 -32.15 -3.50 19.16
N GLU A 261 -32.00 -2.21 19.42
CA GLU A 261 -31.68 -1.26 18.37
C GLU A 261 -30.30 -1.62 17.81
N SER A 262 -29.36 -1.96 18.68
CA SER A 262 -28.05 -2.29 18.15
C SER A 262 -28.02 -3.49 17.21
N ARG A 263 -29.08 -4.29 17.16
CA ARG A 263 -29.05 -5.43 16.26
C ARG A 263 -30.06 -5.34 15.11
N TYR A 264 -31.08 -4.53 15.31
CA TYR A 264 -32.11 -4.32 14.29
C TYR A 264 -31.93 -3.07 13.43
N LEU A 265 -31.60 -1.92 14.03
CA LEU A 265 -31.47 -0.68 13.26
C LEU A 265 -30.07 -0.26 12.84
N TRP A 266 -29.12 -0.43 13.74
CA TRP A 266 -27.74 -0.04 13.48
C TRP A 266 -27.12 -0.90 12.41
N THR A 267 -25.86 -0.64 12.09
CA THR A 267 -25.18 -1.43 11.08
C THR A 267 -23.75 -1.69 11.51
N HIS A 268 -23.33 -2.94 11.53
CA HIS A 268 -21.98 -3.29 11.93
C HIS A 268 -21.11 -3.66 10.75
N GLY A 269 -19.85 -3.23 10.81
CA GLY A 269 -18.89 -3.52 9.76
C GLY A 269 -17.46 -3.43 10.27
N ILE A 270 -16.50 -3.71 9.40
CA ILE A 270 -15.10 -3.64 9.79
C ILE A 270 -14.36 -3.03 8.64
N THR A 271 -13.88 -1.81 8.81
CA THR A 271 -13.16 -1.16 7.74
C THR A 271 -11.96 -2.02 7.33
N CYS A 272 -11.81 -2.30 6.04
CA CYS A 272 -10.67 -3.10 5.58
C CYS A 272 -9.40 -2.26 5.66
N ARG A 273 -8.63 -2.46 6.73
CA ARG A 273 -7.39 -1.73 6.97
C ARG A 273 -6.45 -2.67 7.71
N LYS A 274 -5.20 -2.27 7.88
CA LYS A 274 -4.21 -3.11 8.55
C LYS A 274 -3.77 -2.54 9.88
N PHE A 275 -4.22 -1.31 10.15
CA PHE A 275 -3.89 -0.60 11.37
C PHE A 275 -5.09 0.12 11.99
N ASP A 276 -5.30 -0.13 13.28
CA ASP A 276 -6.38 0.46 14.03
C ASP A 276 -5.83 1.44 15.07
N THR A 277 -6.45 2.60 15.18
CA THR A 277 -5.98 3.58 16.14
C THR A 277 -6.74 3.44 17.45
N VAL A 278 -6.00 3.47 18.56
CA VAL A 278 -6.60 3.33 19.88
C VAL A 278 -5.97 4.28 20.91
N GLN A 279 -6.65 4.45 22.04
CA GLN A 279 -6.17 5.31 23.10
C GLN A 279 -4.99 4.66 23.82
N ALA A 280 -3.97 5.46 24.13
CA ALA A 280 -2.78 4.96 24.82
C ALA A 280 -3.10 4.07 26.02
N SER A 281 -3.56 4.66 27.12
CA SER A 281 -3.90 3.88 28.31
C SER A 281 -4.80 2.69 27.98
N GLU A 282 -6.10 2.93 27.90
CA GLU A 282 -7.08 1.88 27.58
C GLU A 282 -6.96 1.41 26.15
N SER A 283 -5.83 0.76 25.82
CA SER A 283 -5.63 0.28 24.46
C SER A 283 -6.21 -1.11 24.28
N LEU A 284 -5.98 -1.94 25.30
CA LEU A 284 -6.46 -3.30 25.29
C LEU A 284 -7.95 -3.30 25.63
N LYS A 285 -8.40 -2.29 26.37
CA LYS A 285 -9.81 -2.23 26.75
C LYS A 285 -10.72 -2.10 25.53
N SER A 286 -11.96 -2.53 25.69
CA SER A 286 -12.93 -2.46 24.62
C SER A 286 -13.72 -1.17 24.78
N GLY A 287 -14.71 -0.98 23.92
CA GLY A 287 -15.53 0.22 24.00
C GLY A 287 -15.36 1.20 22.85
N ILE A 288 -15.72 2.46 23.10
CA ILE A 288 -15.63 3.52 22.10
C ILE A 288 -14.24 4.11 22.13
N ILE A 289 -13.68 4.31 20.95
CA ILE A 289 -12.36 4.88 20.87
C ILE A 289 -12.48 6.38 20.59
N THR A 290 -12.78 7.17 21.62
CA THR A 290 -12.90 8.61 21.41
C THR A 290 -11.51 9.20 21.21
N SER A 291 -11.46 10.50 20.96
CA SER A 291 -10.19 11.22 20.72
C SER A 291 -10.14 12.52 21.54
N ASP A 292 -8.95 13.10 21.63
CA ASP A 292 -8.74 14.35 22.37
C ASP A 292 -8.93 14.20 23.87
N VAL A 293 -8.64 13.01 24.39
CA VAL A 293 -8.79 12.76 25.81
C VAL A 293 -7.50 12.14 26.29
N GLY A 294 -6.58 11.99 25.37
CA GLY A 294 -5.29 11.41 25.69
C GLY A 294 -4.47 11.23 24.43
N ASP A 295 -3.21 10.86 24.63
CA ASP A 295 -2.30 10.63 23.52
C ASP A 295 -2.81 9.41 22.76
N LEU A 296 -2.70 9.47 21.44
CA LEU A 296 -3.18 8.40 20.59
C LEU A 296 -2.05 7.59 19.98
N THR A 297 -2.28 6.29 19.82
CA THR A 297 -1.27 5.37 19.27
C THR A 297 -1.97 4.32 18.40
N LEU A 298 -1.30 3.89 17.35
CA LEU A 298 -1.90 2.89 16.49
C LEU A 298 -1.41 1.49 16.85
N SER A 299 -2.20 0.49 16.46
CA SER A 299 -1.90 -0.93 16.70
C SER A 299 -2.04 -1.73 15.42
N LYS A 300 -1.19 -2.73 15.24
CA LYS A 300 -1.24 -3.57 14.05
C LYS A 300 -2.24 -4.70 14.24
N ARG A 301 -2.93 -5.05 13.16
CA ARG A 301 -3.91 -6.12 13.24
C ARG A 301 -3.30 -7.51 13.15
N GLY A 302 -4.09 -8.50 13.52
CA GLY A 302 -3.64 -9.88 13.48
C GLY A 302 -4.76 -10.77 12.96
N LEU A 303 -4.47 -12.06 12.79
CA LEU A 303 -5.46 -13.00 12.30
C LEU A 303 -6.58 -13.15 13.33
N ARG A 304 -7.71 -12.52 13.06
CA ARG A 304 -8.83 -12.59 13.96
C ARG A 304 -9.86 -13.59 13.44
N THR A 305 -10.40 -14.38 14.36
CA THR A 305 -11.43 -15.38 14.05
C THR A 305 -12.60 -15.06 14.98
N SER A 306 -13.81 -15.03 14.44
CA SER A 306 -15.02 -14.73 15.22
C SER A 306 -16.05 -15.86 15.24
N PHE A 307 -16.78 -15.98 16.34
CA PHE A 307 -17.82 -17.01 16.47
C PHE A 307 -19.14 -16.30 16.78
N THR A 308 -19.92 -16.07 15.74
CA THR A 308 -21.20 -15.40 15.89
C THR A 308 -22.32 -16.41 16.18
N PHE A 309 -23.11 -16.15 17.20
CA PHE A 309 -24.22 -17.04 17.56
C PHE A 309 -25.56 -16.35 17.38
N ARG A 310 -26.45 -16.99 16.64
CA ARG A 310 -27.81 -16.49 16.37
C ARG A 310 -28.85 -17.62 16.47
N LYS A 311 -30.08 -17.28 16.81
CA LYS A 311 -31.15 -18.28 16.89
C LYS A 311 -32.10 -18.07 15.72
N VAL A 312 -32.10 -18.99 14.78
CA VAL A 312 -32.97 -18.88 13.62
C VAL A 312 -34.43 -18.72 14.05
N ARG A 313 -35.03 -17.62 13.59
CA ARG A 313 -36.41 -17.27 13.88
C ARG A 313 -37.38 -18.07 13.00
N GLN A 314 -38.48 -18.51 13.60
CA GLN A 314 -39.50 -19.31 12.92
C GLN A 314 -40.62 -18.46 12.36
N THR A 315 -41.06 -17.48 13.16
CA THR A 315 -42.13 -16.57 12.77
C THR A 315 -41.53 -15.39 11.98
N PRO A 316 -42.39 -14.54 11.39
CA PRO A 316 -41.93 -13.39 10.63
C PRO A 316 -41.56 -12.31 11.65
N CYS A 317 -40.49 -11.55 11.38
CA CYS A 317 -40.05 -10.49 12.30
C CYS A 317 -41.04 -9.35 12.35
N ASN A 318 -41.18 -8.76 13.52
CA ASN A 318 -42.10 -7.64 13.67
C ASN A 318 -41.63 -6.65 14.75
N CYS A 319 -40.46 -6.08 14.51
CA CYS A 319 -39.85 -5.12 15.43
C CYS A 319 -40.39 -3.71 15.19
N SER A 320 -39.67 -2.72 15.70
CA SER A 320 -40.06 -1.32 15.57
C SER A 320 -39.20 -0.57 14.56
N TYR A 321 -38.72 -1.25 13.54
CA TYR A 321 -37.85 -0.61 12.59
C TYR A 321 -38.15 -1.06 11.18
N PRO A 322 -39.41 -0.86 10.73
CA PRO A 322 -39.86 -1.24 9.40
C PRO A 322 -39.02 -0.66 8.27
N LEU A 323 -38.18 0.29 8.62
CA LEU A 323 -37.30 0.90 7.63
C LEU A 323 -36.25 -0.10 7.16
N VAL A 324 -35.94 -1.08 8.00
CA VAL A 324 -34.91 -2.05 7.64
C VAL A 324 -35.35 -3.50 7.77
N CYS A 325 -36.54 -3.69 8.32
CA CYS A 325 -37.10 -5.02 8.54
C CYS A 325 -37.71 -5.60 7.27
N ASP A 326 -36.99 -6.52 6.64
CA ASP A 326 -37.45 -7.15 5.40
C ASP A 326 -38.85 -7.76 5.52
N SER A 327 -39.13 -8.39 6.66
CA SER A 327 -40.44 -8.99 6.89
C SER A 327 -41.56 -7.97 6.88
N GLN A 328 -41.40 -6.88 7.62
CA GLN A 328 -42.45 -5.86 7.68
C GLN A 328 -42.64 -5.06 6.40
N ARG A 329 -41.68 -5.13 5.49
CA ARG A 329 -41.84 -4.39 4.24
C ARG A 329 -41.87 -5.32 3.04
N LYS A 330 -42.15 -6.60 3.31
CA LYS A 330 -42.22 -7.65 2.28
C LYS A 330 -43.27 -7.37 1.20
N GLU A 331 -44.47 -6.99 1.65
CA GLU A 331 -45.59 -6.74 0.76
C GLU A 331 -45.87 -5.28 0.53
N ASN A 332 -44.87 -4.55 0.05
CA ASN A 332 -45.09 -3.15 -0.23
C ASN A 332 -44.50 -2.77 -1.57
N LEU A 333 -45.34 -2.79 -2.59
CA LEU A 333 -44.90 -2.46 -3.93
C LEU A 333 -43.90 -1.31 -3.94
N TYR A 334 -44.20 -0.25 -3.21
CA TYR A 334 -43.29 0.91 -3.18
C TYR A 334 -41.89 0.55 -2.70
N PHE A 335 -41.82 -0.13 -1.56
CA PHE A 335 -40.55 -0.52 -1.01
C PHE A 335 -39.87 -1.46 -2.00
N GLN A 336 -40.68 -2.32 -2.62
CA GLN A 336 -40.20 -3.28 -3.62
C GLN A 336 -39.42 -2.50 -4.67
N GLY A 337 -40.05 -1.50 -5.28
CA GLY A 337 -39.37 -0.71 -6.29
C GLY A 337 -38.02 -0.20 -5.80
N LEU A 338 -37.95 0.21 -4.54
CA LEU A 338 -36.69 0.69 -4.01
C LEU A 338 -35.76 -0.49 -3.76
N GLU A 339 -36.15 -1.66 -4.26
CA GLU A 339 -35.35 -2.87 -4.11
C GLU A 339 -35.09 -3.17 -2.64
N THR B 4 -24.30 30.13 26.40
CA THR B 4 -24.33 31.54 25.92
C THR B 4 -23.60 31.67 24.57
N LEU B 5 -22.28 31.47 24.56
CA LEU B 5 -21.51 31.55 23.33
C LEU B 5 -21.67 30.22 22.60
N LEU B 6 -21.79 29.17 23.41
CA LEU B 6 -21.96 27.78 22.98
C LEU B 6 -23.01 27.65 21.90
N ARG B 7 -23.88 28.65 21.80
CA ARG B 7 -24.95 28.67 20.80
C ARG B 7 -24.32 28.60 19.40
N HIS B 8 -23.39 29.52 19.11
CA HIS B 8 -22.73 29.54 17.81
C HIS B 8 -21.77 28.37 17.66
N GLU B 9 -21.26 27.89 18.79
CA GLU B 9 -20.32 26.78 18.81
C GLU B 9 -20.96 25.43 18.51
N GLY B 10 -22.30 25.40 18.43
CA GLY B 10 -22.99 24.16 18.14
C GLY B 10 -22.95 23.17 19.28
N ILE B 11 -23.09 23.66 20.51
CA ILE B 11 -23.07 22.80 21.68
C ILE B 11 -24.43 22.80 22.36
N GLU B 12 -25.13 21.67 22.35
CA GLU B 12 -26.45 21.61 22.99
C GLU B 12 -26.36 21.31 24.47
N THR B 13 -27.08 22.06 25.29
CA THR B 13 -27.04 21.85 26.73
C THR B 13 -28.41 21.45 27.28
N VAL B 14 -28.40 20.72 28.40
CA VAL B 14 -29.65 20.30 29.01
C VAL B 14 -29.76 20.85 30.42
N SER B 15 -30.99 20.92 30.91
CA SER B 15 -31.26 21.46 32.24
C SER B 15 -31.34 20.43 33.34
N TYR B 16 -30.97 19.19 33.04
CA TYR B 16 -30.99 18.13 34.04
C TYR B 16 -29.59 17.50 34.16
N ALA B 17 -29.25 17.02 35.35
CA ALA B 17 -27.97 16.42 35.58
C ALA B 17 -27.66 15.26 34.63
N THR B 18 -26.40 15.20 34.18
CA THR B 18 -25.92 14.14 33.30
C THR B 18 -24.48 13.88 33.65
N GLN B 19 -23.95 12.74 33.23
CA GLN B 19 -22.56 12.42 33.56
C GLN B 19 -21.56 13.35 32.91
N SER B 20 -21.93 13.92 31.76
CA SER B 20 -21.04 14.81 31.03
C SER B 20 -21.45 16.25 31.08
N LEU B 21 -20.46 17.12 30.93
CA LEU B 21 -20.72 18.55 30.93
C LEU B 21 -19.63 19.33 30.20
N VAL B 22 -20.03 20.47 29.62
CA VAL B 22 -19.11 21.32 28.89
C VAL B 22 -18.52 22.32 29.88
N VAL B 23 -17.22 22.55 29.76
CA VAL B 23 -16.53 23.48 30.64
C VAL B 23 -16.04 24.69 29.84
N ALA B 24 -16.85 25.73 29.87
CA ALA B 24 -16.56 26.97 29.17
C ALA B 24 -15.27 27.58 29.69
N ASN B 25 -14.48 28.16 28.79
CA ASN B 25 -13.21 28.78 29.17
C ASN B 25 -12.23 27.79 29.77
N GLY B 26 -12.51 26.51 29.65
CA GLY B 26 -11.59 25.54 30.20
C GLY B 26 -10.93 24.76 29.08
N GLY B 27 -10.82 25.37 27.91
CA GLY B 27 -10.22 24.69 26.78
C GLY B 27 -8.78 25.08 26.51
N LEU B 28 -8.12 24.33 25.63
CA LEU B 28 -6.74 24.62 25.28
C LEU B 28 -6.65 25.98 24.60
N GLY B 29 -7.63 26.26 23.74
CA GLY B 29 -7.65 27.52 23.02
C GLY B 29 -7.86 28.72 23.89
N ASN B 30 -7.85 28.51 25.20
CA ASN B 30 -8.07 29.61 26.10
C ASN B 30 -6.89 29.76 27.03
N GLY B 31 -5.95 28.83 26.91
CA GLY B 31 -4.78 28.88 27.75
C GLY B 31 -4.85 27.97 28.96
N VAL B 32 -5.89 27.14 29.01
CA VAL B 32 -6.03 26.21 30.12
C VAL B 32 -5.46 24.85 29.72
N SER B 33 -4.49 24.36 30.49
CA SER B 33 -3.86 23.09 30.21
C SER B 33 -4.57 21.93 30.89
N ARG B 34 -4.31 20.71 30.41
CA ARG B 34 -4.93 19.53 30.98
C ARG B 34 -4.42 19.30 32.40
N ASN B 35 -3.17 19.66 32.66
CA ASN B 35 -2.60 19.48 33.99
C ASN B 35 -3.19 20.51 34.92
N GLN B 36 -3.84 21.51 34.36
CA GLN B 36 -4.44 22.58 35.13
C GLN B 36 -5.85 22.24 35.56
N LEU B 37 -6.71 22.00 34.57
CA LEU B 37 -8.12 21.70 34.78
C LEU B 37 -8.40 20.34 35.42
N LEU B 38 -7.78 19.29 34.92
CA LEU B 38 -7.99 17.95 35.42
C LEU B 38 -7.97 17.86 36.94
N PRO B 39 -6.97 18.49 37.58
CA PRO B 39 -6.89 18.45 39.04
C PRO B 39 -8.14 19.05 39.69
N VAL B 40 -8.55 20.24 39.21
CA VAL B 40 -9.72 20.92 39.72
C VAL B 40 -10.99 20.09 39.54
N LEU B 41 -11.06 19.37 38.45
CA LEU B 41 -12.23 18.55 38.16
C LEU B 41 -12.34 17.34 39.09
N GLU B 42 -11.22 16.66 39.30
CA GLU B 42 -11.17 15.47 40.12
C GLU B 42 -11.52 15.74 41.58
N LYS B 43 -11.43 17.01 41.97
CA LYS B 43 -11.73 17.42 43.32
C LYS B 43 -13.22 17.23 43.64
N CYS B 44 -14.02 16.91 42.60
CA CYS B 44 -15.45 16.70 42.75
C CYS B 44 -15.85 15.26 42.49
N GLY B 45 -14.91 14.47 41.97
CA GLY B 45 -15.22 13.08 41.71
C GLY B 45 -14.21 12.39 40.83
N LEU B 46 -14.59 11.20 40.37
CA LEU B 46 -13.75 10.40 39.51
C LEU B 46 -14.02 10.82 38.06
N VAL B 47 -13.05 11.51 37.46
CA VAL B 47 -13.19 11.97 36.08
C VAL B 47 -12.81 10.87 35.08
N ASP B 48 -13.83 10.29 34.46
CA ASP B 48 -13.65 9.23 33.49
C ASP B 48 -13.03 9.71 32.19
N ALA B 49 -13.17 10.99 31.89
CA ALA B 49 -12.62 11.52 30.65
C ALA B 49 -12.66 13.03 30.61
N LEU B 50 -11.58 13.61 30.07
CA LEU B 50 -11.50 15.05 29.93
C LEU B 50 -11.18 15.28 28.46
N LEU B 51 -12.20 15.61 27.69
CA LEU B 51 -12.01 15.83 26.26
C LEU B 51 -11.73 17.31 25.98
N MET B 52 -10.53 17.58 25.49
CA MET B 52 -10.08 18.94 25.19
C MET B 52 -9.78 19.19 23.75
N PRO B 53 -10.80 19.60 22.98
CA PRO B 53 -10.58 19.86 21.56
C PRO B 53 -9.60 21.01 21.38
N PRO B 54 -8.64 20.87 20.47
CA PRO B 54 -7.63 21.90 20.21
C PRO B 54 -8.19 23.20 19.65
N ASN B 55 -7.55 24.30 20.02
CA ASN B 55 -7.95 25.63 19.59
C ASN B 55 -9.39 25.98 19.96
N LYS B 56 -9.86 25.41 21.06
CA LYS B 56 -11.21 25.71 21.50
C LYS B 56 -11.18 26.28 22.91
N PRO B 57 -12.02 27.31 23.14
CA PRO B 57 -12.12 27.97 24.45
C PRO B 57 -13.04 27.19 25.38
N TYR B 58 -12.89 25.86 25.38
CA TYR B 58 -13.70 24.99 26.22
C TYR B 58 -13.33 23.53 26.06
N SER B 59 -13.70 22.74 27.05
CA SER B 59 -13.42 21.31 27.04
C SER B 59 -14.58 20.57 27.65
N PHE B 60 -14.60 19.25 27.46
CA PHE B 60 -15.69 18.43 27.99
C PHE B 60 -15.22 17.48 29.07
N ALA B 61 -16.00 17.41 30.14
CA ALA B 61 -15.65 16.52 31.25
C ALA B 61 -16.76 15.50 31.47
N ARG B 62 -16.36 14.26 31.79
CA ARG B 62 -17.33 13.21 32.05
C ARG B 62 -16.94 12.46 33.32
N TYR B 63 -17.87 12.38 34.27
CA TYR B 63 -17.63 11.67 35.53
C TYR B 63 -18.22 10.27 35.54
N ARG B 64 -17.82 9.45 36.51
CA ARG B 64 -18.32 8.09 36.60
C ARG B 64 -19.82 8.07 36.87
N THR B 65 -20.27 8.95 37.76
CA THR B 65 -21.68 9.00 38.09
C THR B 65 -22.28 10.38 37.80
N THR B 66 -23.57 10.39 37.51
CA THR B 66 -24.27 11.63 37.21
C THR B 66 -24.36 12.50 38.45
N GLU B 67 -24.16 11.91 39.61
CA GLU B 67 -24.23 12.66 40.86
C GLU B 67 -22.98 13.51 41.05
N GLU B 68 -21.82 12.91 40.79
CA GLU B 68 -20.55 13.61 40.93
C GLU B 68 -20.51 14.79 39.98
N SER B 69 -21.09 14.60 38.80
CA SER B 69 -21.14 15.65 37.79
C SER B 69 -21.92 16.82 38.33
N LYS B 70 -23.06 16.53 38.94
CA LYS B 70 -23.89 17.58 39.49
C LYS B 70 -23.14 18.36 40.57
N ARG B 71 -22.22 17.69 41.26
CA ARG B 71 -21.43 18.32 42.32
C ARG B 71 -20.53 19.38 41.70
N ALA B 72 -19.93 19.02 40.57
CA ALA B 72 -19.03 19.88 39.84
C ALA B 72 -19.82 21.09 39.33
N TYR B 73 -20.99 20.81 38.75
CA TYR B 73 -21.83 21.86 38.22
C TYR B 73 -22.17 22.91 39.28
N VAL B 74 -22.44 22.47 40.51
CA VAL B 74 -22.80 23.40 41.59
C VAL B 74 -21.65 23.94 42.41
N THR B 75 -20.46 23.37 42.28
CA THR B 75 -19.32 23.86 43.06
C THR B 75 -18.24 24.54 42.23
N LEU B 76 -18.00 24.03 41.02
CA LEU B 76 -16.97 24.60 40.15
C LEU B 76 -17.49 25.76 39.29
N ASN B 77 -18.78 25.83 39.09
CA ASN B 77 -19.32 26.91 38.30
C ASN B 77 -18.92 28.25 38.87
N GLY B 78 -18.10 28.99 38.14
CA GLY B 78 -17.70 30.29 38.63
C GLY B 78 -16.30 30.31 39.19
N LYS B 79 -15.72 29.13 39.39
CA LYS B 79 -14.37 29.04 39.94
C LYS B 79 -13.36 29.67 38.99
N GLU B 80 -12.33 30.29 39.56
CA GLU B 80 -11.31 30.90 38.75
C GLU B 80 -10.08 30.00 38.63
N VAL B 81 -9.36 30.16 37.52
CA VAL B 81 -8.16 29.39 37.27
C VAL B 81 -7.16 30.28 36.53
N VAL B 82 -5.89 29.95 36.65
CA VAL B 82 -4.83 30.71 36.00
C VAL B 82 -4.28 29.99 34.78
N ASP B 83 -4.27 30.69 33.65
CA ASP B 83 -3.78 30.13 32.40
C ASP B 83 -2.28 30.34 32.28
N ASP B 84 -1.73 29.89 31.15
CA ASP B 84 -0.30 30.03 30.89
C ASP B 84 0.09 31.49 30.65
N LEU B 85 -0.93 32.35 30.63
CA LEU B 85 -0.75 33.79 30.43
C LEU B 85 -0.69 34.50 31.79
N GLY B 86 -0.80 33.71 32.86
CA GLY B 86 -0.75 34.25 34.21
C GLY B 86 -1.95 35.17 34.43
N GLN B 87 -3.10 34.75 33.91
CA GLN B 87 -4.31 35.54 34.06
C GLN B 87 -5.41 34.75 34.75
N LYS B 88 -6.40 35.47 35.24
CA LYS B 88 -7.53 34.88 35.93
C LYS B 88 -8.70 34.70 34.97
N ILE B 89 -9.24 33.49 34.95
CA ILE B 89 -10.38 33.17 34.09
C ILE B 89 -11.37 32.28 34.83
N THR B 90 -12.63 32.67 34.80
CA THR B 90 -13.67 31.92 35.48
C THR B 90 -14.25 30.83 34.59
N LEU B 91 -14.57 29.70 35.20
CA LEU B 91 -15.13 28.56 34.48
C LEU B 91 -16.66 28.52 34.59
N TYR B 92 -17.29 28.01 33.54
CA TYR B 92 -18.75 27.89 33.54
C TYR B 92 -19.10 26.53 32.97
N LEU B 93 -19.65 25.67 33.82
CA LEU B 93 -20.02 24.34 33.40
C LEU B 93 -21.50 24.20 33.13
N ASN B 94 -21.82 23.30 32.20
CA ASN B 94 -23.21 23.05 31.81
C ASN B 94 -23.39 21.61 31.42
N PHE B 95 -24.54 21.06 31.75
CA PHE B 95 -24.79 19.67 31.41
C PHE B 95 -25.05 19.46 29.93
N VAL B 96 -24.44 18.43 29.36
CA VAL B 96 -24.66 18.12 27.95
C VAL B 96 -25.08 16.67 27.81
N GLU B 97 -25.95 16.41 26.86
CA GLU B 97 -26.42 15.05 26.67
C GLU B 97 -25.42 14.31 25.79
N LYS B 98 -24.82 15.05 24.87
CA LYS B 98 -23.83 14.49 23.95
C LYS B 98 -22.67 15.44 23.76
N VAL B 99 -21.50 14.88 23.51
CA VAL B 99 -20.31 15.66 23.34
C VAL B 99 -20.02 15.93 21.88
N GLN B 100 -20.38 17.12 21.41
CA GLN B 100 -20.13 17.47 20.02
C GLN B 100 -20.10 18.97 19.86
N TRP B 101 -19.34 19.45 18.87
CA TRP B 101 -19.20 20.88 18.61
C TRP B 101 -19.00 21.14 17.13
N LYS B 102 -19.03 22.42 16.73
CA LYS B 102 -18.85 22.79 15.33
C LYS B 102 -17.45 23.36 15.06
N GLU B 103 -16.87 22.96 13.95
CA GLU B 103 -15.56 23.44 13.55
C GLU B 103 -15.77 24.41 12.40
N LEU B 104 -15.27 25.63 12.55
CA LEU B 104 -15.40 26.64 11.52
C LEU B 104 -14.02 27.05 11.04
N ARG B 105 -13.89 27.26 9.74
CA ARG B 105 -12.61 27.65 9.13
C ARG B 105 -12.85 28.77 8.14
N PRO B 106 -12.89 30.02 8.61
CA PRO B 106 -13.12 31.15 7.71
C PRO B 106 -12.13 31.18 6.55
N GLN B 107 -12.58 31.57 5.37
CA GLN B 107 -11.70 31.61 4.20
C GLN B 107 -11.17 33.00 3.86
N ALA B 108 -11.98 34.02 4.16
CA ALA B 108 -11.62 35.40 3.86
C ALA B 108 -11.53 36.28 5.10
N LEU B 109 -10.74 37.34 5.00
CA LEU B 109 -10.58 38.29 6.09
C LEU B 109 -11.89 39.03 6.25
N PRO B 110 -12.14 39.61 7.43
CA PRO B 110 -13.40 40.34 7.59
C PRO B 110 -13.54 41.37 6.49
N PRO B 111 -14.74 41.50 5.95
CA PRO B 111 -14.94 42.48 4.87
C PRO B 111 -14.44 43.91 5.10
N GLY B 112 -13.69 44.41 4.12
CA GLY B 112 -13.16 45.75 4.19
C GLY B 112 -11.80 45.79 4.84
N LEU B 113 -11.19 44.62 4.98
CA LEU B 113 -9.89 44.56 5.62
C LEU B 113 -8.80 44.17 4.64
N MET B 114 -7.59 44.61 4.89
CA MET B 114 -6.50 44.24 4.01
C MET B 114 -5.19 44.55 4.73
N VAL B 115 -4.14 43.85 4.34
CA VAL B 115 -2.83 44.01 4.96
C VAL B 115 -1.77 44.21 3.88
N VAL B 116 -1.10 45.35 3.91
CA VAL B 116 -0.06 45.60 2.93
C VAL B 116 1.27 45.13 3.49
N GLU B 117 1.92 44.20 2.80
CA GLU B 117 3.20 43.66 3.27
C GLU B 117 4.39 44.46 2.78
N GLU B 118 5.41 44.55 3.63
CA GLU B 118 6.61 45.29 3.30
C GLU B 118 6.30 46.72 2.82
N ILE B 119 5.41 47.41 3.53
CA ILE B 119 5.03 48.75 3.12
C ILE B 119 6.14 49.78 3.36
N ILE B 120 7.13 49.37 4.16
CA ILE B 120 8.28 50.20 4.50
C ILE B 120 9.50 49.29 4.48
N SER B 121 10.68 49.89 4.44
CA SER B 121 11.92 49.13 4.41
C SER B 121 12.40 48.80 5.82
N SER B 122 13.50 48.09 5.88
CA SER B 122 14.09 47.71 7.16
C SER B 122 14.72 48.95 7.79
N GLU B 123 15.30 49.79 6.93
CA GLU B 123 15.93 51.02 7.40
C GLU B 123 14.83 51.89 7.98
N GLU B 124 13.81 52.15 7.16
CA GLU B 124 12.69 52.98 7.58
C GLU B 124 12.10 52.51 8.90
N GLU B 125 11.96 51.20 9.05
CA GLU B 125 11.43 50.60 10.27
C GLU B 125 12.30 50.98 11.48
N LYS B 126 13.62 50.94 11.29
CA LYS B 126 14.57 51.23 12.36
C LYS B 126 14.45 52.64 12.91
N MET B 127 14.47 53.62 12.02
CA MET B 127 14.38 54.97 12.51
C MET B 127 13.02 55.23 13.13
N LEU B 128 11.99 54.69 12.50
CA LEU B 128 10.64 54.86 12.98
C LEU B 128 10.54 54.45 14.43
N LEU B 129 11.29 53.42 14.81
CA LEU B 129 11.24 53.00 16.19
C LEU B 129 12.00 53.97 17.06
N GLU B 130 13.25 54.22 16.69
CA GLU B 130 14.13 55.10 17.46
C GLU B 130 13.69 56.57 17.48
N SER B 131 12.51 56.86 16.93
CA SER B 131 12.01 58.23 16.91
C SER B 131 10.87 58.39 17.92
N VAL B 132 10.87 57.55 18.94
CA VAL B 132 9.83 57.60 19.94
C VAL B 132 10.47 57.87 21.30
N ASP B 133 10.27 59.07 21.84
CA ASP B 133 10.86 59.40 23.15
C ASP B 133 10.52 58.41 24.27
N TRP B 134 9.23 58.21 24.53
CA TRP B 134 8.79 57.29 25.60
C TRP B 134 9.17 57.81 26.99
N ARG B 150 0.93 47.66 28.44
CA ARG B 150 1.57 48.15 27.23
C ARG B 150 1.71 49.66 27.30
N ARG B 151 2.90 50.16 27.02
CA ARG B 151 3.09 51.61 27.06
C ARG B 151 2.27 52.23 25.93
N VAL B 152 1.81 53.45 26.14
CA VAL B 152 1.01 54.13 25.12
C VAL B 152 1.42 55.60 24.97
N LYS B 153 1.11 56.20 23.82
CA LYS B 153 1.45 57.60 23.57
C LYS B 153 0.68 58.09 22.37
N HIS B 154 -0.02 59.20 22.52
CA HIS B 154 -0.83 59.73 21.44
C HIS B 154 -0.25 60.96 20.74
N PHE B 155 -0.76 61.25 19.54
CA PHE B 155 -0.30 62.41 18.77
C PHE B 155 -1.48 62.98 17.99
N GLY B 156 -1.45 64.29 17.75
CA GLY B 156 -2.55 64.91 17.02
C GLY B 156 -3.69 65.28 17.95
N TYR B 157 -4.23 64.29 18.66
CA TYR B 157 -5.30 64.53 19.58
C TYR B 157 -5.06 63.73 20.84
N GLU B 158 -5.16 64.39 21.99
CA GLU B 158 -4.93 63.73 23.29
C GLU B 158 -5.92 62.59 23.61
N PHE B 159 -6.45 61.96 22.55
CA PHE B 159 -7.42 60.88 22.68
C PHE B 159 -6.76 59.51 22.84
N ASN B 165 -8.78 55.36 27.27
CA ASN B 165 -8.54 56.25 26.15
C ASN B 165 -9.46 57.47 26.19
N VAL B 166 -9.21 58.43 25.30
CA VAL B 166 -10.02 59.67 25.19
C VAL B 166 -10.46 59.92 23.74
N ASP B 167 -10.94 61.13 23.46
CA ASP B 167 -11.39 61.49 22.12
C ASP B 167 -11.94 62.93 22.11
N LYS B 168 -11.32 63.80 22.90
CA LYS B 168 -11.71 65.22 23.02
C LYS B 168 -11.35 65.97 21.74
N ASP B 169 -12.30 66.04 20.82
CA ASP B 169 -12.10 66.68 19.52
C ASP B 169 -11.88 68.19 19.57
N LYS B 170 -11.60 68.72 20.75
CA LYS B 170 -11.37 70.14 20.88
C LYS B 170 -9.91 70.45 21.16
N PRO B 171 -9.29 69.75 22.13
CA PRO B 171 -7.89 69.96 22.47
C PRO B 171 -6.86 69.19 21.65
N LEU B 172 -6.52 69.73 20.48
CA LEU B 172 -5.53 69.11 19.61
C LEU B 172 -4.11 69.59 19.96
N SER B 173 -3.15 68.68 19.82
CA SER B 173 -1.74 68.94 20.14
C SER B 173 -1.01 69.82 19.10
N GLY B 174 0.31 69.97 19.21
CA GLY B 174 1.05 70.78 18.25
C GLY B 174 1.35 70.14 16.90
N GLY B 175 0.51 69.17 16.47
CA GLY B 175 0.71 68.51 15.19
C GLY B 175 0.91 67.00 15.21
N LEU B 176 1.20 66.43 14.04
CA LEU B 176 1.44 64.99 13.94
C LEU B 176 2.96 64.89 13.70
N PRO B 177 3.64 63.89 14.28
CA PRO B 177 5.09 63.75 14.08
C PRO B 177 5.56 63.88 12.65
N ASP B 178 6.64 64.62 12.47
CA ASP B 178 7.22 64.87 11.15
C ASP B 178 7.57 63.64 10.33
N ILE B 179 8.26 62.67 10.94
CA ILE B 179 8.64 61.46 10.21
C ILE B 179 7.49 60.71 9.59
N CYS B 180 6.27 61.17 9.86
CA CYS B 180 5.08 60.53 9.32
C CYS B 180 4.66 61.09 7.98
N GLU B 181 4.47 62.41 7.91
CA GLU B 181 4.02 63.09 6.72
C GLU B 181 4.51 62.41 5.47
N SER B 182 5.82 62.19 5.43
CA SER B 182 6.41 61.52 4.27
C SER B 182 5.65 60.26 3.84
N PHE B 183 5.70 59.27 4.71
CA PHE B 183 5.07 57.97 4.55
C PHE B 183 3.61 58.10 4.20
N LEU B 184 2.91 58.89 5.01
CA LEU B 184 1.48 59.15 4.83
C LEU B 184 1.22 59.66 3.43
N GLU B 185 1.94 60.71 3.03
CA GLU B 185 1.75 61.23 1.69
C GLU B 185 1.89 60.09 0.67
N LYS B 186 2.87 59.23 0.85
CA LYS B 186 3.07 58.10 -0.07
C LYS B 186 1.89 57.13 -0.09
N TRP B 187 1.41 56.77 1.11
CA TRP B 187 0.27 55.85 1.31
C TRP B 187 -0.89 56.31 0.44
N LEU B 188 -1.19 57.59 0.49
CA LEU B 188 -2.28 58.12 -0.30
C LEU B 188 -1.95 57.94 -1.75
N ARG B 189 -0.68 58.25 -2.09
CA ARG B 189 -0.14 58.16 -3.44
C ARG B 189 -0.46 56.78 -3.99
N LYS B 190 0.19 55.76 -3.43
CA LYS B 190 -0.03 54.37 -3.84
C LYS B 190 -1.50 53.94 -3.74
N GLY B 191 -2.31 54.70 -3.03
CA GLY B 191 -3.72 54.38 -2.91
C GLY B 191 -4.10 53.44 -1.79
N TYR B 192 -3.13 53.10 -0.94
CA TYR B 192 -3.36 52.20 0.18
C TYR B 192 -4.39 52.85 1.11
N ILE B 193 -4.21 54.14 1.35
CA ILE B 193 -5.09 54.94 2.20
C ILE B 193 -5.80 56.03 1.39
N LYS B 194 -7.07 56.22 1.65
CA LYS B 194 -7.89 57.20 0.95
C LYS B 194 -7.95 58.59 1.59
N HIS B 195 -7.56 58.71 2.85
CA HIS B 195 -7.64 59.99 3.54
C HIS B 195 -6.47 60.19 4.47
N LYS B 196 -5.93 61.40 4.49
CA LYS B 196 -4.81 61.69 5.38
C LYS B 196 -5.33 61.74 6.81
N PRO B 197 -4.80 60.87 7.67
CA PRO B 197 -5.25 60.85 9.06
C PRO B 197 -4.71 62.05 9.84
N ASP B 198 -5.49 62.53 10.81
CA ASP B 198 -5.05 63.65 11.66
C ASP B 198 -4.82 63.21 13.11
N GLN B 199 -4.94 61.91 13.36
CA GLN B 199 -4.74 61.35 14.71
C GLN B 199 -3.96 60.04 14.57
N MET B 200 -2.92 59.87 15.38
CA MET B 200 -2.08 58.67 15.36
C MET B 200 -1.78 58.23 16.78
N THR B 201 -1.77 56.92 17.02
CA THR B 201 -1.48 56.38 18.35
C THR B 201 -0.42 55.32 18.25
N ILE B 202 0.44 55.27 19.25
CA ILE B 202 1.51 54.28 19.27
C ILE B 202 1.33 53.33 20.45
N ASN B 203 1.57 52.05 20.18
CA ASN B 203 1.45 51.00 21.18
C ASN B 203 2.74 50.21 21.26
N GLN B 204 3.18 49.94 22.48
CA GLN B 204 4.39 49.17 22.79
C GLN B 204 3.97 47.87 23.48
N TYR B 205 4.07 46.76 22.77
CA TYR B 205 3.70 45.46 23.32
C TYR B 205 4.95 44.61 23.61
N GLU B 206 5.17 44.25 24.88
CA GLU B 206 6.31 43.41 25.18
C GLU B 206 5.82 41.96 25.18
N PRO B 207 6.72 41.00 24.92
CA PRO B 207 6.32 39.60 24.88
C PRO B 207 5.44 39.22 26.10
N GLY B 208 4.13 39.16 25.87
CA GLY B 208 3.21 38.84 26.94
C GLY B 208 2.05 39.82 27.04
N GLN B 209 2.26 41.04 26.60
CA GLN B 209 1.21 42.05 26.66
C GLN B 209 0.32 42.01 25.42
N GLY B 210 -0.92 42.45 25.58
CA GLY B 210 -1.82 42.46 24.44
C GLY B 210 -2.84 43.55 24.63
N ILE B 211 -3.88 43.55 23.81
CA ILE B 211 -4.89 44.58 23.96
C ILE B 211 -6.29 43.96 23.94
N PRO B 212 -7.10 44.24 24.96
CA PRO B 212 -8.44 43.66 24.99
C PRO B 212 -9.21 43.97 23.72
N ALA B 213 -9.96 42.97 23.26
CA ALA B 213 -10.77 43.11 22.06
C ALA B 213 -11.71 44.28 22.23
N HIS B 214 -11.49 45.33 21.45
CA HIS B 214 -12.31 46.51 21.52
C HIS B 214 -12.77 46.79 20.11
N ILE B 215 -13.19 48.02 19.86
CA ILE B 215 -13.66 48.41 18.55
C ILE B 215 -13.72 49.93 18.46
N ASP B 216 -12.69 50.54 17.85
CA ASP B 216 -12.61 52.00 17.72
C ASP B 216 -13.94 52.72 17.71
N THR B 217 -14.10 53.69 18.59
CA THR B 217 -15.33 54.47 18.69
C THR B 217 -15.89 54.95 17.36
N HIS B 218 -17.19 54.76 17.14
CA HIS B 218 -17.76 55.19 15.88
C HIS B 218 -17.89 56.71 15.70
N SER B 219 -17.98 57.46 16.80
CA SER B 219 -18.12 58.91 16.72
C SER B 219 -16.81 59.62 16.84
N ALA B 220 -15.80 58.89 17.27
CA ALA B 220 -14.48 59.49 17.47
C ALA B 220 -13.66 59.59 16.21
N PHE B 221 -13.64 58.52 15.44
CA PHE B 221 -12.83 58.51 14.23
C PHE B 221 -13.61 58.06 13.02
N GLU B 222 -13.18 58.52 11.84
CA GLU B 222 -13.84 58.17 10.59
C GLU B 222 -13.66 56.68 10.29
N ASP B 223 -14.01 56.30 9.07
CA ASP B 223 -13.92 54.92 8.63
C ASP B 223 -12.48 54.43 8.45
N GLU B 224 -11.74 54.95 7.48
CA GLU B 224 -10.38 54.45 7.29
C GLU B 224 -9.46 54.47 8.52
N ILE B 225 -9.06 53.28 8.96
CA ILE B 225 -8.15 53.14 10.11
C ILE B 225 -6.99 52.22 9.73
N VAL B 226 -5.77 52.74 9.77
CA VAL B 226 -4.62 51.93 9.42
C VAL B 226 -3.66 51.72 10.60
N SER B 227 -2.96 50.59 10.60
CA SER B 227 -2.01 50.27 11.66
C SER B 227 -0.71 49.69 11.11
N LEU B 228 0.34 50.49 11.19
CA LEU B 228 1.68 50.13 10.74
C LEU B 228 2.36 49.30 11.81
N SER B 229 2.66 48.03 11.52
CA SER B 229 3.29 47.17 12.51
C SER B 229 4.82 47.19 12.45
N LEU B 230 5.45 47.33 13.59
CA LEU B 230 6.91 47.36 13.63
C LEU B 230 7.47 46.54 14.79
N GLY B 231 8.78 46.28 14.74
CA GLY B 231 9.46 45.56 15.79
C GLY B 231 9.44 44.06 15.58
N SER B 232 8.29 43.44 15.83
CA SER B 232 8.16 42.02 15.67
C SER B 232 6.75 41.67 15.27
N GLU B 233 6.59 40.52 14.61
CA GLU B 233 5.28 40.10 14.19
C GLU B 233 4.42 39.74 15.41
N ILE B 234 3.13 39.55 15.15
CA ILE B 234 2.14 39.21 16.17
C ILE B 234 0.81 38.90 15.48
N VAL B 235 -0.10 38.21 16.19
CA VAL B 235 -1.40 37.87 15.62
C VAL B 235 -2.54 38.72 16.19
N MET B 236 -3.32 39.31 15.28
CA MET B 236 -4.42 40.13 15.71
C MET B 236 -5.75 39.41 15.58
N ASP B 237 -6.42 39.23 16.71
CA ASP B 237 -7.68 38.52 16.74
C ASP B 237 -8.85 39.39 16.30
N PHE B 238 -9.60 38.90 15.31
CA PHE B 238 -10.76 39.58 14.77
C PHE B 238 -11.97 38.68 15.03
N LYS B 239 -12.93 39.14 15.82
CA LYS B 239 -14.12 38.32 16.08
C LYS B 239 -15.38 39.05 15.66
N HIS B 240 -16.24 38.34 14.95
CA HIS B 240 -17.51 38.88 14.48
C HIS B 240 -18.51 38.61 15.58
N PRO B 241 -19.52 39.48 15.75
CA PRO B 241 -20.52 39.27 16.79
C PRO B 241 -21.29 37.95 16.62
N ASP B 242 -21.25 37.38 15.42
CA ASP B 242 -21.92 36.10 15.17
C ASP B 242 -20.99 34.93 15.45
N GLY B 243 -19.99 35.13 16.31
CA GLY B 243 -19.07 34.06 16.67
C GLY B 243 -17.94 33.74 15.70
N ILE B 244 -18.02 34.26 14.48
CA ILE B 244 -16.99 34.01 13.48
C ILE B 244 -15.67 34.69 13.88
N ALA B 245 -14.66 33.90 14.20
CA ALA B 245 -13.36 34.42 14.60
C ALA B 245 -12.29 34.16 13.55
N VAL B 246 -11.54 35.21 13.24
CA VAL B 246 -10.50 35.12 12.22
C VAL B 246 -9.20 35.73 12.69
N PRO B 247 -8.21 34.90 13.03
CA PRO B 247 -6.92 35.37 13.48
C PRO B 247 -6.05 35.81 12.30
N VAL B 248 -5.60 37.06 12.32
CA VAL B 248 -4.79 37.63 11.25
C VAL B 248 -3.35 37.81 11.64
N MET B 249 -2.47 37.36 10.77
CA MET B 249 -1.02 37.45 10.97
C MET B 249 -0.53 38.83 10.55
N LEU B 250 0.05 39.59 11.48
CA LEU B 250 0.55 40.91 11.15
C LEU B 250 2.06 40.94 11.17
N PRO B 251 2.70 40.65 10.03
CA PRO B 251 4.16 40.64 9.95
C PRO B 251 4.77 42.03 10.00
N ARG B 252 6.02 42.09 10.44
CA ARG B 252 6.72 43.36 10.54
C ARG B 252 6.64 44.12 9.23
N ARG B 253 6.81 45.42 9.31
CA ARG B 253 6.80 46.26 8.13
C ARG B 253 5.54 46.09 7.29
N SER B 254 4.41 45.82 7.94
CA SER B 254 3.13 45.67 7.25
C SER B 254 2.14 46.73 7.73
N LEU B 255 1.17 47.04 6.89
CA LEU B 255 0.16 48.03 7.22
C LEU B 255 -1.21 47.37 7.20
N LEU B 256 -1.92 47.44 8.34
CA LEU B 256 -3.27 46.87 8.46
C LEU B 256 -4.26 47.97 8.10
N VAL B 257 -5.10 47.72 7.10
CA VAL B 257 -6.07 48.71 6.66
C VAL B 257 -7.49 48.30 6.99
N MET B 258 -8.07 48.98 7.97
CA MET B 258 -9.44 48.69 8.38
C MET B 258 -10.48 49.64 7.82
N THR B 259 -11.42 49.12 7.05
CA THR B 259 -12.49 49.95 6.52
C THR B 259 -13.81 49.19 6.67
N GLY B 260 -14.90 49.92 6.43
CA GLY B 260 -16.24 49.35 6.51
C GLY B 260 -16.54 48.47 7.71
N GLU B 261 -17.15 47.33 7.42
CA GLU B 261 -17.52 46.38 8.45
C GLU B 261 -16.36 45.96 9.40
N SER B 262 -15.18 45.64 8.88
CA SER B 262 -14.08 45.25 9.74
C SER B 262 -13.72 46.35 10.75
N ARG B 263 -14.05 47.59 10.45
CA ARG B 263 -13.68 48.62 11.40
C ARG B 263 -14.85 49.00 12.29
N TYR B 264 -16.07 48.84 11.80
CA TYR B 264 -17.26 49.19 12.57
C TYR B 264 -17.91 48.03 13.33
N LEU B 265 -17.96 46.86 12.72
CA LEU B 265 -18.64 45.73 13.37
C LEU B 265 -17.79 44.73 14.13
N TRP B 266 -16.77 44.22 13.47
CA TRP B 266 -15.88 43.23 14.04
C TRP B 266 -15.09 43.88 15.14
N THR B 267 -14.55 43.08 16.04
CA THR B 267 -13.73 43.61 17.12
C THR B 267 -12.32 43.07 16.93
N HIS B 268 -11.33 43.94 17.11
CA HIS B 268 -9.93 43.57 17.00
C HIS B 268 -9.25 43.58 18.38
N GLY B 269 -8.31 42.66 18.57
CA GLY B 269 -7.59 42.59 19.83
C GLY B 269 -6.33 41.77 19.79
N ILE B 270 -5.56 41.81 20.87
CA ILE B 270 -4.34 41.04 20.93
C ILE B 270 -4.31 40.23 22.22
N THR B 271 -4.35 38.91 22.05
CA THR B 271 -4.33 37.97 23.15
C THR B 271 -3.01 38.09 23.91
N CYS B 272 -3.09 38.25 25.22
CA CYS B 272 -1.87 38.36 26.00
C CYS B 272 -1.16 37.01 26.05
N ARG B 273 -0.20 36.79 25.15
CA ARG B 273 0.55 35.54 25.10
C ARG B 273 2.02 35.78 24.77
N LYS B 274 2.79 34.71 24.60
CA LYS B 274 4.20 34.87 24.25
C LYS B 274 4.57 34.13 22.98
N PHE B 275 3.66 33.26 22.53
CA PHE B 275 3.90 32.51 21.32
C PHE B 275 2.69 32.57 20.39
N ASP B 276 2.95 32.33 19.11
CA ASP B 276 1.92 32.33 18.08
C ASP B 276 2.16 31.07 17.28
N THR B 277 1.06 30.44 16.88
CA THR B 277 1.10 29.20 16.11
C THR B 277 0.92 29.55 14.65
N VAL B 278 2.01 29.75 13.94
CA VAL B 278 1.94 30.10 12.53
C VAL B 278 2.21 28.88 11.67
N GLN B 279 2.11 29.04 10.35
CA GLN B 279 2.36 27.95 9.42
C GLN B 279 3.75 28.09 8.81
N ALA B 280 4.43 26.96 8.62
CA ALA B 280 5.77 26.94 8.03
C ALA B 280 5.77 27.52 6.61
N LEU B 284 5.61 35.08 9.51
CA LEU B 284 5.71 34.45 8.19
C LEU B 284 5.09 35.36 7.13
N LYS B 285 3.84 35.07 6.78
CA LYS B 285 3.11 35.86 5.80
C LYS B 285 1.80 36.35 6.41
N SER B 286 1.34 37.53 6.01
CA SER B 286 0.09 38.09 6.54
C SER B 286 -1.14 37.23 6.18
N GLY B 287 -2.31 37.64 6.66
CA GLY B 287 -3.54 36.90 6.37
C GLY B 287 -4.03 35.98 7.49
N ILE B 288 -5.05 35.16 7.19
CA ILE B 288 -5.61 34.23 8.17
C ILE B 288 -4.70 33.05 8.48
N ILE B 289 -4.78 32.56 9.71
CA ILE B 289 -3.99 31.41 10.17
C ILE B 289 -4.97 30.23 10.20
N THR B 290 -4.99 29.46 9.13
CA THR B 290 -5.90 28.33 9.06
C THR B 290 -5.25 27.12 9.71
N SER B 291 -6.07 26.15 10.11
CA SER B 291 -5.56 24.94 10.76
C SER B 291 -5.95 23.76 9.89
N ASP B 292 -5.29 22.62 10.08
CA ASP B 292 -5.58 21.40 9.32
C ASP B 292 -5.42 21.60 7.80
N VAL B 293 -4.52 22.49 7.41
CA VAL B 293 -4.30 22.76 6.00
C VAL B 293 -2.84 22.46 5.66
N GLY B 294 -2.05 22.30 6.70
CA GLY B 294 -0.66 22.01 6.47
C GLY B 294 0.05 21.91 7.80
N ASP B 295 1.33 22.24 7.76
CA ASP B 295 2.20 22.19 8.92
C ASP B 295 2.16 23.45 9.77
N LEU B 296 2.03 23.26 11.07
CA LEU B 296 2.01 24.39 11.98
C LEU B 296 3.36 24.55 12.68
N THR B 297 3.47 25.57 13.52
CA THR B 297 4.68 25.84 14.27
C THR B 297 4.54 27.01 15.24
N LEU B 298 5.36 27.01 16.28
CA LEU B 298 5.31 28.07 17.24
C LEU B 298 6.24 29.20 16.83
N SER B 299 5.92 30.42 17.25
CA SER B 299 6.75 31.58 16.95
C SER B 299 6.82 32.50 18.17
N LYS B 300 8.02 32.74 18.67
CA LYS B 300 8.15 33.61 19.84
C LYS B 300 8.14 35.06 19.39
N ARG B 301 7.19 35.80 19.93
CA ARG B 301 7.06 37.20 19.61
C ARG B 301 8.06 38.01 20.44
N GLY B 302 8.44 39.17 19.93
CA GLY B 302 9.36 40.04 20.64
C GLY B 302 8.67 41.36 20.95
N LEU B 303 9.46 42.41 21.20
CA LEU B 303 8.89 43.73 21.48
C LEU B 303 8.43 44.27 20.15
N ARG B 304 7.14 44.50 20.08
CA ARG B 304 6.49 44.97 18.87
C ARG B 304 5.76 46.27 19.13
N THR B 305 6.12 47.33 18.40
CA THR B 305 5.43 48.61 18.56
C THR B 305 4.66 48.90 17.27
N SER B 306 3.52 49.60 17.38
CA SER B 306 2.69 49.90 16.22
C SER B 306 2.22 51.35 16.13
N PHE B 307 2.05 51.83 14.90
CA PHE B 307 1.58 53.20 14.68
C PHE B 307 0.22 53.12 14.05
N THR B 308 -0.79 53.55 14.78
CA THR B 308 -2.14 53.51 14.28
C THR B 308 -2.56 54.93 13.90
N PHE B 309 -2.88 55.15 12.62
CA PHE B 309 -3.31 56.47 12.12
C PHE B 309 -4.81 56.50 11.83
N ARG B 310 -5.43 57.65 11.98
CA ARG B 310 -6.87 57.76 11.72
C ARG B 310 -7.31 59.21 11.76
N LYS B 311 -8.41 59.51 11.09
CA LYS B 311 -8.92 60.88 11.05
C LYS B 311 -10.05 61.07 12.04
N VAL B 312 -9.91 62.01 12.95
CA VAL B 312 -10.94 62.25 13.93
C VAL B 312 -12.27 62.66 13.26
N ARG B 313 -13.37 62.13 13.80
CA ARG B 313 -14.71 62.41 13.26
C ARG B 313 -15.36 63.67 13.85
N GLN B 314 -16.11 64.40 13.03
CA GLN B 314 -16.74 65.62 13.51
C GLN B 314 -18.25 65.45 13.63
N THR B 315 -18.87 64.98 12.56
CA THR B 315 -20.31 64.75 12.54
C THR B 315 -20.61 63.49 13.32
N PRO B 316 -21.88 63.28 13.67
CA PRO B 316 -22.24 62.07 14.43
C PRO B 316 -22.21 60.88 13.46
N CYS B 317 -21.84 59.69 13.96
CA CYS B 317 -21.75 58.48 13.12
C CYS B 317 -23.08 57.78 12.80
N ASN B 318 -23.32 57.49 11.51
CA ASN B 318 -24.56 56.82 11.10
C ASN B 318 -24.36 55.63 10.16
N CYS B 319 -23.51 54.71 10.59
CA CYS B 319 -23.24 53.50 9.84
C CYS B 319 -24.40 52.55 10.03
N SER B 320 -24.41 51.51 9.21
CA SER B 320 -25.46 50.51 9.25
C SER B 320 -25.29 49.44 10.35
N TYR B 321 -24.54 49.75 11.40
CA TYR B 321 -24.31 48.79 12.48
C TYR B 321 -24.66 49.50 13.78
N PRO B 322 -25.89 50.01 13.89
CA PRO B 322 -26.32 50.72 15.09
C PRO B 322 -26.02 50.07 16.42
N LEU B 323 -26.04 48.74 16.48
CA LEU B 323 -25.76 48.13 17.77
C LEU B 323 -24.47 48.59 18.42
N VAL B 324 -23.42 48.77 17.62
CA VAL B 324 -22.14 49.20 18.16
C VAL B 324 -21.78 50.65 17.84
N CYS B 325 -22.79 51.43 17.49
CA CYS B 325 -22.58 52.82 17.16
C CYS B 325 -22.94 53.70 18.35
N ASP B 326 -21.92 54.12 19.10
CA ASP B 326 -22.15 54.96 20.25
C ASP B 326 -23.02 56.17 19.91
N SER B 327 -22.81 56.77 18.75
CA SER B 327 -23.61 57.92 18.34
C SER B 327 -25.09 57.58 18.26
N GLN B 328 -25.43 56.59 17.44
CA GLN B 328 -26.83 56.20 17.29
C GLN B 328 -27.44 55.70 18.62
N ARG B 329 -26.76 54.76 19.27
CA ARG B 329 -27.23 54.22 20.55
C ARG B 329 -27.69 55.32 21.51
N LYS B 330 -26.96 56.43 21.50
CA LYS B 330 -27.23 57.57 22.36
C LYS B 330 -28.57 58.24 22.11
N GLU B 331 -29.18 57.99 20.96
CA GLU B 331 -30.47 58.62 20.72
C GLU B 331 -31.67 57.76 21.17
N ASN B 332 -31.46 56.76 22.04
CA ASN B 332 -32.60 55.93 22.49
C ASN B 332 -32.66 55.67 23.98
N LEU B 333 -31.55 55.89 24.67
CA LEU B 333 -31.55 55.72 26.11
C LEU B 333 -31.90 54.28 26.51
N TYR B 334 -32.31 53.46 25.55
CA TYR B 334 -32.64 52.08 25.87
C TYR B 334 -31.36 51.27 25.87
N PHE B 335 -30.51 51.57 24.90
CA PHE B 335 -29.24 50.88 24.77
C PHE B 335 -28.33 51.20 25.95
N GLN B 336 -28.37 52.45 26.39
CA GLN B 336 -27.56 52.88 27.52
C GLN B 336 -27.95 52.07 28.76
N GLY B 337 -29.22 51.67 28.82
CA GLY B 337 -29.71 50.89 29.95
C GLY B 337 -29.29 49.43 29.88
N LEU B 338 -28.17 49.16 29.21
CA LEU B 338 -27.64 47.80 29.05
C LEU B 338 -26.20 47.67 29.58
N THR C 4 21.26 -34.56 -3.40
CA THR C 4 20.95 -35.90 -3.99
C THR C 4 20.56 -35.73 -5.46
N LEU C 5 19.46 -35.03 -5.70
CA LEU C 5 18.97 -34.81 -7.06
C LEU C 5 19.39 -33.44 -7.55
N LEU C 6 19.38 -32.48 -6.64
CA LEU C 6 19.77 -31.10 -6.91
C LEU C 6 21.04 -31.03 -7.75
N ARG C 7 21.80 -32.12 -7.75
CA ARG C 7 23.04 -32.19 -8.52
C ARG C 7 22.73 -31.95 -9.99
N HIS C 8 21.81 -32.74 -10.55
CA HIS C 8 21.45 -32.60 -11.96
C HIS C 8 20.65 -31.33 -12.21
N GLU C 9 19.98 -30.87 -11.15
CA GLU C 9 19.15 -29.67 -11.22
C GLU C 9 19.97 -28.38 -11.28
N GLY C 10 21.29 -28.48 -11.11
CA GLY C 10 22.13 -27.31 -11.14
C GLY C 10 21.98 -26.40 -9.93
N ILE C 11 21.78 -26.99 -8.75
CA ILE C 11 21.61 -26.21 -7.52
C ILE C 11 22.78 -26.42 -6.57
N GLU C 12 23.59 -25.39 -6.36
CA GLU C 12 24.74 -25.52 -5.46
C GLU C 12 24.35 -25.31 -3.99
N THR C 13 24.79 -26.19 -3.11
CA THR C 13 24.48 -26.08 -1.69
C THR C 13 25.73 -25.87 -0.85
N VAL C 14 25.59 -25.21 0.30
CA VAL C 14 26.72 -24.98 1.17
C VAL C 14 26.50 -25.64 2.50
N SER C 15 27.59 -25.87 3.23
CA SER C 15 27.48 -26.52 4.53
C SER C 15 27.41 -25.57 5.73
N TYR C 16 27.24 -24.28 5.47
CA TYR C 16 27.14 -23.30 6.55
C TYR C 16 25.83 -22.55 6.44
N ALA C 17 25.30 -22.09 7.57
CA ALA C 17 24.04 -21.36 7.58
C ALA C 17 24.05 -20.12 6.70
N THR C 18 22.94 -19.89 6.02
CA THR C 18 22.76 -18.74 5.14
C THR C 18 21.30 -18.33 5.21
N GLN C 19 20.99 -17.12 4.78
CA GLN C 19 19.61 -16.64 4.84
C GLN C 19 18.68 -17.41 3.93
N SER C 20 19.22 -17.92 2.83
CA SER C 20 18.43 -18.65 1.85
C SER C 20 18.68 -20.15 1.87
N LEU C 21 17.66 -20.90 1.47
CA LEU C 21 17.78 -22.35 1.39
C LEU C 21 16.81 -22.97 0.38
N VAL C 22 17.23 -24.08 -0.21
CA VAL C 22 16.38 -24.77 -1.17
C VAL C 22 15.50 -25.74 -0.42
N VAL C 23 14.24 -25.84 -0.83
CA VAL C 23 13.30 -26.73 -0.19
C VAL C 23 12.86 -27.81 -1.16
N ALA C 24 13.53 -28.95 -1.05
CA ALA C 24 13.27 -30.11 -1.89
C ALA C 24 11.84 -30.63 -1.70
N ASN C 25 11.22 -31.03 -2.80
CA ASN C 25 9.86 -31.54 -2.74
C ASN C 25 8.86 -30.50 -2.27
N GLY C 26 9.28 -29.23 -2.21
CA GLY C 26 8.36 -28.20 -1.79
C GLY C 26 8.04 -27.28 -2.95
N GLY C 27 8.10 -27.82 -4.16
CA GLY C 27 7.81 -27.00 -5.33
C GLY C 27 6.43 -27.21 -5.92
N LEU C 28 6.05 -26.32 -6.83
CA LEU C 28 4.75 -26.42 -7.49
C LEU C 28 4.69 -27.72 -8.27
N GLY C 29 5.78 -28.03 -8.97
CA GLY C 29 5.85 -29.23 -9.78
C GLY C 29 5.78 -30.52 -8.99
N ASN C 30 5.51 -30.39 -7.69
CA ASN C 30 5.44 -31.57 -6.86
C ASN C 30 4.06 -31.64 -6.21
N GLY C 31 3.27 -30.61 -6.43
CA GLY C 31 1.94 -30.57 -5.86
C GLY C 31 1.84 -29.76 -4.59
N VAL C 32 2.91 -29.04 -4.25
CA VAL C 32 2.91 -28.23 -3.05
C VAL C 32 2.56 -26.80 -3.44
N SER C 33 1.51 -26.26 -2.84
CA SER C 33 1.08 -24.90 -3.14
C SER C 33 1.75 -23.88 -2.24
N ARG C 34 1.71 -22.61 -2.65
CA ARG C 34 2.31 -21.54 -1.86
C ARG C 34 1.53 -21.35 -0.56
N ASN C 35 0.23 -21.57 -0.61
CA ASN C 35 -0.58 -21.42 0.60
C ASN C 35 -0.31 -22.57 1.55
N GLN C 36 0.32 -23.61 1.03
CA GLN C 36 0.65 -24.79 1.81
C GLN C 36 1.98 -24.64 2.55
N LEU C 37 3.04 -24.43 1.79
CA LEU C 37 4.40 -24.30 2.31
C LEU C 37 4.69 -23.03 3.11
N LEU C 38 4.27 -21.88 2.59
CA LEU C 38 4.51 -20.60 3.24
C LEU C 38 4.16 -20.61 4.73
N PRO C 39 3.00 -21.19 5.10
CA PRO C 39 2.62 -21.23 6.52
C PRO C 39 3.64 -22.01 7.35
N VAL C 40 4.02 -23.20 6.86
CA VAL C 40 4.99 -24.03 7.55
C VAL C 40 6.35 -23.33 7.69
N LEU C 41 6.72 -22.56 6.68
CA LEU C 41 7.99 -21.86 6.72
C LEU C 41 8.01 -20.75 7.75
N GLU C 42 6.96 -19.93 7.76
CA GLU C 42 6.88 -18.80 8.70
C GLU C 42 6.87 -19.22 10.17
N LYS C 43 6.57 -20.49 10.40
CA LYS C 43 6.53 -21.02 11.75
C LYS C 43 7.94 -21.01 12.37
N CYS C 44 8.95 -20.72 11.56
CA CYS C 44 10.34 -20.69 12.02
C CYS C 44 10.91 -19.28 11.97
N GLY C 45 10.16 -18.37 11.35
CA GLY C 45 10.66 -17.01 11.27
C GLY C 45 9.95 -16.16 10.25
N LEU C 46 10.54 -15.00 10.00
CA LEU C 46 10.00 -14.04 9.04
C LEU C 46 10.51 -14.39 7.66
N VAL C 47 9.63 -14.94 6.82
CA VAL C 47 10.01 -15.32 5.46
C VAL C 47 9.97 -14.13 4.51
N ASP C 48 11.15 -13.62 4.17
CA ASP C 48 11.28 -12.48 3.28
C ASP C 48 10.91 -12.80 1.83
N ALA C 49 10.99 -14.07 1.45
CA ALA C 49 10.67 -14.44 0.09
C ALA C 49 10.56 -15.94 -0.09
N LEU C 50 9.58 -16.37 -0.87
CA LEU C 50 9.37 -17.77 -1.14
C LEU C 50 9.35 -17.87 -2.65
N LEU C 51 10.48 -18.24 -3.25
CA LEU C 51 10.56 -18.35 -4.71
C LEU C 51 10.19 -19.77 -5.15
N MET C 52 9.10 -19.88 -5.90
CA MET C 52 8.61 -21.17 -6.39
C MET C 52 8.60 -21.28 -7.90
N PRO C 53 9.71 -21.75 -8.47
CA PRO C 53 9.76 -21.88 -9.92
C PRO C 53 8.74 -22.91 -10.38
N PRO C 54 7.99 -22.60 -11.44
CA PRO C 54 6.97 -23.50 -11.99
C PRO C 54 7.51 -24.81 -12.56
N ASN C 55 6.70 -25.85 -12.43
CA ASN C 55 7.07 -27.19 -12.90
C ASN C 55 8.36 -27.72 -12.28
N LYS C 56 8.63 -27.29 -11.06
CA LYS C 56 9.82 -27.75 -10.37
C LYS C 56 9.45 -28.41 -9.05
N PRO C 57 10.10 -29.54 -8.75
CA PRO C 57 9.86 -30.29 -7.52
C PRO C 57 10.63 -29.69 -6.34
N TYR C 58 10.63 -28.35 -6.25
CA TYR C 58 11.33 -27.64 -5.19
C TYR C 58 11.12 -26.14 -5.28
N SER C 59 11.38 -25.46 -4.17
CA SER C 59 11.24 -24.01 -4.13
C SER C 59 12.31 -23.43 -3.23
N PHE C 60 12.49 -22.11 -3.29
CA PHE C 60 13.51 -21.46 -2.49
C PHE C 60 12.94 -20.53 -1.44
N ALA C 61 13.48 -20.60 -0.24
CA ALA C 61 13.00 -19.76 0.86
C ALA C 61 14.12 -18.90 1.37
N ARG C 62 13.79 -17.67 1.71
CA ARG C 62 14.78 -16.74 2.25
C ARG C 62 14.22 -16.03 3.48
N TYR C 63 14.93 -16.12 4.60
CA TYR C 63 14.48 -15.48 5.85
C TYR C 63 15.20 -14.15 6.10
N ARG C 64 14.69 -13.37 7.04
CA ARG C 64 15.28 -12.07 7.35
C ARG C 64 16.69 -12.25 7.91
N THR C 65 16.85 -13.23 8.79
CA THR C 65 18.15 -13.46 9.39
C THR C 65 18.64 -14.87 9.11
N THR C 66 19.96 -15.02 9.10
CA THR C 66 20.59 -16.31 8.83
C THR C 66 20.32 -17.28 9.98
N GLU C 67 19.96 -16.73 11.14
CA GLU C 67 19.68 -17.56 12.30
C GLU C 67 18.34 -18.27 12.16
N GLU C 68 17.32 -17.53 11.72
CA GLU C 68 15.98 -18.07 11.52
C GLU C 68 16.04 -19.20 10.49
N SER C 69 16.86 -18.99 9.47
CA SER C 69 17.02 -19.97 8.42
C SER C 69 17.55 -21.28 8.99
N LYS C 70 18.55 -21.16 9.84
CA LYS C 70 19.14 -22.34 10.46
C LYS C 70 18.11 -23.08 11.29
N ARG C 71 17.15 -22.34 11.86
CA ARG C 71 16.10 -22.94 12.66
C ARG C 71 15.27 -23.86 11.78
N ALA C 72 14.94 -23.35 10.60
CA ALA C 72 14.14 -24.08 9.64
C ALA C 72 14.90 -25.31 9.18
N TYR C 73 16.16 -25.12 8.87
CA TYR C 73 16.99 -26.23 8.42
C TYR C 73 16.99 -27.40 9.43
N VAL C 74 17.06 -27.06 10.72
CA VAL C 74 17.10 -28.09 11.75
C VAL C 74 15.74 -28.57 12.27
N THR C 75 14.66 -27.85 11.97
CA THR C 75 13.35 -28.25 12.47
C THR C 75 12.38 -28.75 11.39
N LEU C 76 12.47 -28.16 10.20
CA LEU C 76 11.59 -28.54 9.10
C LEU C 76 12.15 -29.68 8.28
N ASN C 77 13.46 -29.88 8.34
CA ASN C 77 14.05 -30.96 7.58
C ASN C 77 13.40 -32.29 7.94
N GLY C 78 12.69 -32.88 7.00
CA GLY C 78 12.07 -34.17 7.27
C GLY C 78 10.59 -34.07 7.54
N LYS C 79 10.10 -32.84 7.73
CA LYS C 79 8.68 -32.62 7.98
C LYS C 79 7.83 -33.07 6.79
N GLU C 80 6.64 -33.59 7.08
CA GLU C 80 5.76 -34.04 6.02
C GLU C 80 4.69 -33.02 5.74
N VAL C 81 4.21 -33.01 4.50
CA VAL C 81 3.16 -32.11 4.07
C VAL C 81 2.27 -32.83 3.07
N VAL C 82 1.03 -32.35 2.95
CA VAL C 82 0.07 -32.95 2.04
C VAL C 82 -0.13 -32.09 0.80
N ASP C 83 0.04 -32.70 -0.36
CA ASP C 83 -0.12 -32.01 -1.63
C ASP C 83 -1.58 -32.04 -2.08
N ASP C 84 -1.84 -31.46 -3.24
CA ASP C 84 -3.19 -31.43 -3.81
C ASP C 84 -3.66 -32.82 -4.24
N LEU C 85 -2.76 -33.79 -4.12
CA LEU C 85 -3.02 -35.17 -4.49
C LEU C 85 -3.45 -35.95 -3.25
N GLY C 86 -3.50 -35.25 -2.11
CA GLY C 86 -3.87 -35.87 -0.87
C GLY C 86 -2.84 -36.91 -0.48
N GLN C 87 -1.57 -36.59 -0.72
CA GLN C 87 -0.50 -37.52 -0.39
C GLN C 87 0.50 -36.92 0.57
N LYS C 88 1.29 -37.79 1.20
CA LYS C 88 2.30 -37.38 2.15
C LYS C 88 3.66 -37.27 1.47
N ILE C 89 4.32 -36.13 1.67
CA ILE C 89 5.63 -35.90 1.11
C ILE C 89 6.51 -35.18 2.12
N THR C 90 7.72 -35.70 2.31
CA THR C 90 8.67 -35.12 3.25
C THR C 90 9.52 -34.03 2.59
N LEU C 91 9.82 -32.99 3.36
CA LEU C 91 10.61 -31.88 2.86
C LEU C 91 12.08 -32.01 3.26
N TYR C 92 12.98 -31.51 2.42
CA TYR C 92 14.40 -31.56 2.71
C TYR C 92 14.99 -30.21 2.36
N LEU C 93 15.44 -29.49 3.38
CA LEU C 93 16.02 -28.17 3.16
C LEU C 93 17.54 -28.20 3.19
N ASN C 94 18.13 -27.28 2.44
CA ASN C 94 19.57 -27.15 2.37
C ASN C 94 19.98 -25.72 2.14
N PHE C 95 21.08 -25.32 2.75
CA PHE C 95 21.53 -23.95 2.59
C PHE C 95 22.10 -23.68 1.19
N VAL C 96 21.73 -22.55 0.62
CA VAL C 96 22.26 -22.17 -0.68
C VAL C 96 22.85 -20.77 -0.60
N GLU C 97 23.92 -20.54 -1.34
CA GLU C 97 24.55 -19.23 -1.29
C GLU C 97 23.83 -18.34 -2.27
N LYS C 98 23.39 -18.94 -3.38
CA LYS C 98 22.68 -18.21 -4.42
C LYS C 98 21.49 -19.02 -4.92
N VAL C 99 20.46 -18.30 -5.34
CA VAL C 99 19.25 -18.92 -5.84
C VAL C 99 19.26 -19.07 -7.36
N GLN C 100 19.59 -20.26 -7.84
CA GLN C 100 19.62 -20.49 -9.27
C GLN C 100 19.47 -21.98 -9.57
N TRP C 101 18.89 -22.29 -10.73
CA TRP C 101 18.68 -23.68 -11.13
C TRP C 101 18.77 -23.82 -12.64
N LYS C 102 18.76 -25.05 -13.14
CA LYS C 102 18.84 -25.29 -14.60
C LYS C 102 17.49 -25.67 -15.16
N GLU C 103 17.20 -25.15 -16.35
CA GLU C 103 15.96 -25.45 -17.03
C GLU C 103 16.32 -26.37 -18.18
N LEU C 104 15.67 -27.53 -18.25
CA LEU C 104 15.92 -28.49 -19.32
C LEU C 104 14.64 -28.70 -20.10
N ARG C 105 14.76 -28.81 -21.41
CA ARG C 105 13.62 -29.01 -22.31
C ARG C 105 13.98 -30.09 -23.33
N PRO C 106 13.80 -31.37 -22.96
CA PRO C 106 14.12 -32.47 -23.87
C PRO C 106 13.45 -32.33 -25.22
N GLN C 107 14.20 -32.70 -26.25
CA GLN C 107 13.70 -32.63 -27.62
C GLN C 107 13.68 -33.99 -28.30
N ALA C 108 13.77 -35.06 -27.51
CA ALA C 108 13.77 -36.41 -28.08
C ALA C 108 13.48 -37.49 -27.04
N LEU C 109 12.55 -38.39 -27.35
CA LEU C 109 12.23 -39.47 -26.41
C LEU C 109 13.49 -40.23 -26.20
N PRO C 110 13.58 -40.96 -25.08
CA PRO C 110 14.82 -41.71 -24.89
C PRO C 110 15.10 -42.70 -26.02
N PRO C 111 16.37 -42.99 -26.29
CA PRO C 111 16.73 -43.91 -27.36
C PRO C 111 16.19 -45.34 -27.20
N GLY C 112 15.38 -45.74 -28.18
CA GLY C 112 14.76 -47.05 -28.17
C GLY C 112 13.25 -46.97 -27.96
N LEU C 113 12.81 -45.88 -27.33
CA LEU C 113 11.40 -45.65 -27.03
C LEU C 113 10.68 -45.18 -28.28
N MET C 114 9.50 -45.76 -28.49
CA MET C 114 8.64 -45.47 -29.65
C MET C 114 7.15 -45.58 -29.31
N VAL C 115 6.34 -44.71 -29.92
CA VAL C 115 4.89 -44.69 -29.71
C VAL C 115 4.15 -44.83 -31.03
N VAL C 116 3.25 -45.82 -31.07
CA VAL C 116 2.44 -46.07 -32.24
C VAL C 116 1.05 -45.56 -31.91
N GLU C 117 0.56 -44.62 -32.71
CA GLU C 117 -0.75 -44.01 -32.50
C GLU C 117 -1.79 -44.64 -33.41
N GLU C 118 -3.00 -44.82 -32.86
CA GLU C 118 -4.13 -45.40 -33.60
C GLU C 118 -3.82 -46.80 -34.08
N ILE C 119 -3.03 -47.53 -33.29
CA ILE C 119 -2.63 -48.90 -33.62
C ILE C 119 -3.84 -49.84 -33.58
N ILE C 120 -4.97 -49.33 -33.13
CA ILE C 120 -6.19 -50.13 -33.08
C ILE C 120 -7.39 -49.16 -33.09
N SER C 121 -8.48 -49.60 -33.71
CA SER C 121 -9.70 -48.82 -33.80
C SER C 121 -10.34 -48.78 -32.44
N SER C 122 -11.28 -47.86 -32.23
CA SER C 122 -11.98 -47.74 -30.95
C SER C 122 -12.84 -48.97 -30.73
N GLU C 123 -13.27 -49.58 -31.82
CA GLU C 123 -14.10 -50.78 -31.72
C GLU C 123 -13.27 -51.91 -31.18
N GLU C 124 -12.02 -52.01 -31.65
CA GLU C 124 -11.15 -53.05 -31.17
C GLU C 124 -10.75 -52.73 -29.72
N GLU C 125 -10.84 -51.46 -29.33
CA GLU C 125 -10.49 -51.05 -27.97
C GLU C 125 -11.45 -51.67 -26.97
N LYS C 126 -12.76 -51.48 -27.20
CA LYS C 126 -13.78 -52.03 -26.33
C LYS C 126 -13.68 -53.57 -26.35
N MET C 127 -13.45 -54.14 -27.53
CA MET C 127 -13.30 -55.58 -27.63
C MET C 127 -12.28 -56.06 -26.60
N LEU C 128 -11.14 -55.38 -26.53
CA LEU C 128 -10.12 -55.76 -25.58
C LEU C 128 -10.53 -55.40 -24.15
N LEU C 129 -11.07 -54.20 -23.98
CA LEU C 129 -11.47 -53.78 -22.66
C LEU C 129 -12.45 -54.76 -22.03
N GLU C 130 -13.58 -55.00 -22.70
CA GLU C 130 -14.62 -55.89 -22.19
C GLU C 130 -14.20 -57.36 -22.07
N SER C 131 -13.03 -57.71 -22.59
CA SER C 131 -12.55 -59.09 -22.55
C SER C 131 -11.86 -59.44 -21.23
N VAL C 132 -11.73 -58.46 -20.35
CA VAL C 132 -11.08 -58.71 -19.06
C VAL C 132 -12.07 -59.39 -18.11
N ASP C 133 -11.54 -60.01 -17.05
CA ASP C 133 -12.38 -60.70 -16.08
C ASP C 133 -11.80 -60.62 -14.66
N TRP C 134 -12.05 -59.51 -13.99
CA TRP C 134 -11.56 -59.31 -12.63
C TRP C 134 -12.57 -58.64 -11.70
N ARG C 150 -3.65 -50.32 -7.36
CA ARG C 150 -4.13 -50.52 -8.72
C ARG C 150 -4.42 -51.99 -8.96
N ARG C 151 -5.22 -52.29 -9.97
CA ARG C 151 -5.58 -53.68 -10.30
C ARG C 151 -4.47 -54.30 -11.15
N VAL C 152 -4.30 -55.62 -11.04
CA VAL C 152 -3.28 -56.32 -11.78
C VAL C 152 -3.72 -57.77 -12.05
N LYS C 153 -3.35 -58.28 -13.21
CA LYS C 153 -3.71 -59.64 -13.61
C LYS C 153 -2.72 -60.12 -14.66
N HIS C 154 -1.77 -60.94 -14.23
CA HIS C 154 -0.72 -61.48 -15.13
C HIS C 154 -1.23 -62.65 -15.97
N PHE C 155 -0.67 -62.77 -17.17
CA PHE C 155 -1.05 -63.83 -18.10
C PHE C 155 0.20 -64.55 -18.57
N GLY C 156 0.16 -65.87 -18.62
CA GLY C 156 1.33 -66.61 -19.03
C GLY C 156 2.22 -66.86 -17.83
N TYR C 157 2.43 -65.82 -17.02
CA TYR C 157 3.26 -65.91 -15.81
C TYR C 157 2.72 -64.94 -14.75
N GLY C 175 -2.37 -69.95 -21.61
CA GLY C 175 -1.42 -68.88 -21.83
C GLY C 175 -2.03 -67.51 -22.10
N LEU C 176 -1.63 -66.88 -23.20
CA LEU C 176 -2.16 -65.56 -23.54
C LEU C 176 -3.50 -65.70 -24.22
N PRO C 177 -4.45 -64.82 -23.90
CA PRO C 177 -5.78 -64.90 -24.51
C PRO C 177 -5.72 -64.84 -26.03
N ASP C 178 -6.64 -65.54 -26.68
CA ASP C 178 -6.67 -65.55 -28.13
C ASP C 178 -7.12 -64.22 -28.71
N ILE C 179 -7.92 -63.48 -27.95
CA ILE C 179 -8.40 -62.20 -28.44
C ILE C 179 -7.26 -61.38 -29.04
N CYS C 180 -6.28 -61.07 -28.20
CA CYS C 180 -5.13 -60.29 -28.61
C CYS C 180 -4.12 -61.10 -29.40
N GLU C 181 -4.16 -62.42 -29.24
CA GLU C 181 -3.25 -63.32 -29.95
C GLU C 181 -3.29 -62.97 -31.44
N SER C 182 -4.46 -62.57 -31.92
CA SER C 182 -4.63 -62.20 -33.31
C SER C 182 -3.94 -60.86 -33.54
N PHE C 183 -3.99 -60.01 -32.52
CA PHE C 183 -3.39 -58.68 -32.57
C PHE C 183 -1.86 -58.73 -32.68
N LEU C 184 -1.23 -59.61 -31.93
CA LEU C 184 0.22 -59.74 -32.00
C LEU C 184 0.67 -59.96 -33.45
N GLU C 185 -0.04 -60.80 -34.19
CA GLU C 185 0.33 -61.05 -35.58
C GLU C 185 0.40 -59.76 -36.36
N LYS C 186 -0.72 -59.04 -36.42
CA LYS C 186 -0.74 -57.78 -37.14
C LYS C 186 0.47 -56.92 -36.78
N TRP C 187 0.88 -56.91 -35.51
CA TRP C 187 2.04 -56.12 -35.02
C TRP C 187 3.32 -56.50 -35.77
N LEU C 188 3.68 -57.79 -35.70
CA LEU C 188 4.86 -58.33 -36.37
C LEU C 188 4.76 -58.06 -37.87
N ARG C 189 3.58 -58.37 -38.42
CA ARG C 189 3.28 -58.18 -39.84
C ARG C 189 3.58 -56.74 -40.28
N LYS C 190 3.16 -55.77 -39.49
CA LYS C 190 3.41 -54.37 -39.81
C LYS C 190 4.80 -53.94 -39.37
N GLY C 191 5.45 -54.80 -38.59
CA GLY C 191 6.81 -54.51 -38.15
C GLY C 191 6.96 -53.77 -36.83
N TYR C 192 5.82 -53.44 -36.22
CA TYR C 192 5.76 -52.74 -34.95
C TYR C 192 6.55 -53.46 -33.87
N ILE C 193 6.49 -54.79 -33.88
CA ILE C 193 7.23 -55.63 -32.93
C ILE C 193 8.07 -56.64 -33.76
N LYS C 194 9.26 -57.02 -33.30
CA LYS C 194 10.06 -57.96 -34.08
C LYS C 194 10.24 -59.33 -33.38
N HIS C 195 9.29 -59.67 -32.53
CA HIS C 195 9.37 -60.94 -31.83
C HIS C 195 8.05 -61.19 -31.09
N LYS C 196 7.53 -62.41 -31.18
CA LYS C 196 6.27 -62.75 -30.54
C LYS C 196 6.42 -62.97 -29.05
N PRO C 197 5.63 -62.22 -28.26
CA PRO C 197 5.63 -62.30 -26.79
C PRO C 197 4.92 -63.55 -26.27
N ASP C 198 5.14 -63.84 -25.00
CA ASP C 198 4.55 -65.00 -24.34
C ASP C 198 4.22 -64.71 -22.87
N GLN C 199 4.16 -63.43 -22.53
CA GLN C 199 3.83 -63.00 -21.17
C GLN C 199 3.15 -61.65 -21.28
N MET C 200 2.03 -61.48 -20.61
CA MET C 200 1.33 -60.20 -20.73
C MET C 200 0.59 -59.85 -19.46
N THR C 201 0.78 -58.63 -18.95
CA THR C 201 0.09 -58.21 -17.74
C THR C 201 -0.81 -56.97 -17.94
N ILE C 202 -2.04 -57.07 -17.44
CA ILE C 202 -2.99 -55.97 -17.54
C ILE C 202 -2.97 -55.13 -16.25
N ASN C 203 -3.11 -53.81 -16.39
CA ASN C 203 -3.15 -52.93 -15.23
C ASN C 203 -4.38 -52.01 -15.33
N GLN C 204 -5.00 -51.74 -14.19
CA GLN C 204 -6.16 -50.86 -14.15
C GLN C 204 -5.77 -49.69 -13.24
N TYR C 205 -5.90 -48.47 -13.77
CA TYR C 205 -5.56 -47.26 -13.04
C TYR C 205 -6.77 -46.35 -12.90
N GLU C 206 -7.29 -46.26 -11.69
CA GLU C 206 -8.43 -45.41 -11.39
C GLU C 206 -7.90 -43.99 -11.40
N PRO C 207 -8.65 -43.07 -12.03
CA PRO C 207 -8.26 -41.67 -12.13
C PRO C 207 -7.64 -41.15 -10.84
N GLY C 208 -6.33 -41.24 -10.74
CA GLY C 208 -5.70 -40.76 -9.53
C GLY C 208 -4.47 -41.56 -9.18
N GLN C 209 -4.57 -42.88 -9.28
CA GLN C 209 -3.43 -43.75 -8.96
C GLN C 209 -2.54 -44.05 -10.18
N GLY C 210 -1.34 -44.55 -9.90
CA GLY C 210 -0.42 -44.85 -10.98
C GLY C 210 0.49 -46.00 -10.65
N ILE C 211 1.76 -45.87 -10.99
CA ILE C 211 2.73 -46.92 -10.73
C ILE C 211 4.15 -46.38 -10.48
N PRO C 212 4.80 -46.88 -9.42
CA PRO C 212 6.15 -46.46 -9.08
C PRO C 212 7.18 -46.68 -10.17
N ALA C 213 8.04 -45.67 -10.30
CA ALA C 213 9.10 -45.66 -11.29
C ALA C 213 9.96 -46.90 -11.15
N HIS C 214 10.01 -47.72 -12.19
CA HIS C 214 10.83 -48.91 -12.14
C HIS C 214 11.38 -49.25 -13.51
N ILE C 215 12.09 -50.36 -13.58
CA ILE C 215 12.68 -50.83 -14.82
C ILE C 215 12.55 -52.35 -14.89
N ASP C 216 11.63 -52.84 -15.72
CA ASP C 216 11.38 -54.29 -15.87
C ASP C 216 12.68 -55.10 -15.83
N THR C 217 12.74 -56.06 -14.90
CA THR C 217 13.94 -56.90 -14.72
C THR C 217 14.59 -57.34 -16.01
N HIS C 218 15.91 -57.19 -16.11
CA HIS C 218 16.62 -57.57 -17.33
C HIS C 218 16.52 -59.05 -17.61
N SER C 219 16.93 -59.85 -16.64
CA SER C 219 16.92 -61.29 -16.76
C SER C 219 15.53 -61.91 -16.86
N ALA C 220 14.54 -61.23 -16.28
CA ALA C 220 13.16 -61.71 -16.28
C ALA C 220 12.55 -61.74 -17.67
N PHE C 221 12.68 -60.65 -18.42
CA PHE C 221 12.10 -60.57 -19.75
C PHE C 221 13.09 -60.15 -20.81
N GLU C 222 12.85 -60.57 -22.04
CA GLU C 222 13.72 -60.27 -23.18
C GLU C 222 13.98 -58.78 -23.38
N ASP C 223 13.66 -58.26 -24.55
CA ASP C 223 13.90 -56.85 -24.80
C ASP C 223 12.63 -56.14 -25.21
N GLU C 224 12.55 -55.79 -26.48
CA GLU C 224 11.40 -55.09 -27.03
C GLU C 224 10.12 -55.30 -26.22
N ILE C 225 9.91 -54.48 -25.19
CA ILE C 225 8.69 -54.56 -24.38
C ILE C 225 7.68 -53.56 -24.94
N VAL C 226 6.40 -53.88 -24.86
CA VAL C 226 5.39 -52.97 -25.39
C VAL C 226 4.22 -52.81 -24.43
N SER C 227 3.44 -51.75 -24.63
CA SER C 227 2.28 -51.50 -23.80
C SER C 227 1.17 -50.91 -24.63
N LEU C 228 0.00 -51.54 -24.56
CA LEU C 228 -1.19 -51.11 -25.28
C LEU C 228 -2.02 -50.27 -24.29
N SER C 229 -2.11 -48.97 -24.55
CA SER C 229 -2.86 -48.07 -23.69
C SER C 229 -4.33 -48.05 -24.11
N LEU C 230 -5.20 -48.47 -23.21
CA LEU C 230 -6.62 -48.53 -23.49
C LEU C 230 -7.42 -47.77 -22.45
N GLY C 231 -8.53 -47.17 -22.87
CA GLY C 231 -9.35 -46.45 -21.92
C GLY C 231 -9.07 -44.96 -21.85
N SER C 232 -8.16 -44.55 -20.97
CA SER C 232 -7.85 -43.12 -20.84
C SER C 232 -6.40 -42.75 -21.20
N GLU C 233 -6.22 -41.52 -21.68
CA GLU C 233 -4.89 -41.00 -22.02
C GLU C 233 -4.17 -40.80 -20.70
N ILE C 234 -2.84 -40.81 -20.73
CA ILE C 234 -2.08 -40.64 -19.51
C ILE C 234 -0.65 -40.31 -19.88
N VAL C 235 0.14 -39.89 -18.90
CA VAL C 235 1.54 -39.55 -19.15
C VAL C 235 2.45 -40.45 -18.36
N MET C 236 3.49 -40.93 -19.01
CA MET C 236 4.43 -41.79 -18.33
C MET C 236 5.76 -41.06 -18.18
N ASP C 237 6.42 -41.28 -17.04
CA ASP C 237 7.68 -40.62 -16.77
C ASP C 237 8.91 -41.49 -16.93
N PHE C 238 9.76 -41.06 -17.85
CA PHE C 238 11.00 -41.78 -18.14
C PHE C 238 12.19 -41.00 -17.58
N LYS C 239 12.75 -41.48 -16.47
CA LYS C 239 13.88 -40.79 -15.88
C LYS C 239 15.20 -41.50 -16.19
N HIS C 240 16.21 -40.70 -16.56
CA HIS C 240 17.53 -41.23 -16.86
C HIS C 240 18.30 -41.20 -15.55
N PRO C 241 19.20 -42.17 -15.33
CA PRO C 241 19.96 -42.16 -14.08
C PRO C 241 20.74 -40.87 -13.85
N ASP C 242 21.02 -40.14 -14.92
CA ASP C 242 21.75 -38.88 -14.82
C ASP C 242 20.87 -37.66 -14.56
N GLY C 243 19.55 -37.83 -14.55
CA GLY C 243 18.67 -36.71 -14.27
C GLY C 243 17.72 -36.27 -15.39
N ILE C 244 17.97 -36.71 -16.61
CA ILE C 244 17.12 -36.37 -17.76
C ILE C 244 15.71 -36.99 -17.62
N ALA C 245 14.72 -36.18 -17.25
CA ALA C 245 13.33 -36.67 -17.09
C ALA C 245 12.48 -36.27 -18.30
N VAL C 246 11.78 -37.24 -18.89
CA VAL C 246 10.95 -36.93 -20.03
C VAL C 246 9.54 -37.53 -19.91
N PRO C 247 8.52 -36.66 -19.82
CA PRO C 247 7.11 -37.06 -19.70
C PRO C 247 6.56 -37.39 -21.08
N VAL C 248 6.11 -38.63 -21.22
CA VAL C 248 5.57 -39.08 -22.50
C VAL C 248 4.07 -39.23 -22.44
N MET C 249 3.40 -38.64 -23.42
CA MET C 249 1.98 -38.75 -23.49
C MET C 249 1.62 -40.03 -24.21
N LEU C 250 0.91 -40.92 -23.50
CA LEU C 250 0.46 -42.19 -24.07
C LEU C 250 -1.03 -42.11 -24.29
N PRO C 251 -1.46 -41.78 -25.52
CA PRO C 251 -2.89 -41.69 -25.84
C PRO C 251 -3.54 -43.06 -25.94
N ARG C 252 -4.84 -43.10 -25.70
CA ARG C 252 -5.57 -44.35 -25.77
C ARG C 252 -5.43 -44.91 -27.17
N ARG C 253 -5.42 -46.24 -27.24
CA ARG C 253 -5.28 -46.93 -28.49
C ARG C 253 -3.90 -46.81 -29.10
N SER C 254 -2.88 -46.51 -28.29
CA SER C 254 -1.52 -46.39 -28.81
C SER C 254 -0.61 -47.50 -28.31
N LEU C 255 0.46 -47.80 -29.04
CA LEU C 255 1.36 -48.84 -28.58
C LEU C 255 2.71 -48.24 -28.20
N LEU C 256 3.16 -48.49 -26.98
CA LEU C 256 4.46 -48.01 -26.53
C LEU C 256 5.43 -49.16 -26.76
N VAL C 257 6.56 -48.84 -27.40
CA VAL C 257 7.62 -49.81 -27.72
C VAL C 257 8.92 -49.47 -27.02
N MET C 258 9.26 -50.17 -25.94
CA MET C 258 10.50 -49.89 -25.24
C MET C 258 11.62 -50.86 -25.62
N THR C 259 12.74 -50.32 -26.11
CA THR C 259 13.87 -51.15 -26.49
C THR C 259 15.14 -50.46 -26.10
N GLY C 260 16.21 -51.24 -25.96
CA GLY C 260 17.48 -50.67 -25.60
C GLY C 260 17.52 -49.82 -24.34
N GLU C 261 18.11 -48.64 -24.46
CA GLU C 261 18.25 -47.74 -23.34
C GLU C 261 16.89 -47.46 -22.69
N SER C 262 15.87 -47.29 -23.51
CA SER C 262 14.55 -47.02 -22.99
C SER C 262 13.98 -48.22 -22.22
N ARG C 263 14.53 -49.42 -22.42
CA ARG C 263 13.99 -50.55 -21.66
C ARG C 263 14.96 -51.11 -20.64
N TYR C 264 16.17 -50.56 -20.58
CA TYR C 264 17.21 -51.03 -19.67
C TYR C 264 17.70 -50.02 -18.64
N LEU C 265 18.16 -48.88 -19.14
CA LEU C 265 18.72 -47.83 -18.29
C LEU C 265 17.68 -46.87 -17.71
N TRP C 266 16.75 -46.43 -18.56
CA TRP C 266 15.69 -45.51 -18.17
C TRP C 266 14.65 -46.21 -17.30
N THR C 267 13.78 -45.43 -16.66
CA THR C 267 12.75 -46.02 -15.82
C THR C 267 11.40 -45.40 -16.10
N HIS C 268 10.42 -46.25 -16.41
CA HIS C 268 9.08 -45.74 -16.68
C HIS C 268 8.33 -45.75 -15.36
N GLY C 269 7.21 -45.03 -15.31
CA GLY C 269 6.40 -44.96 -14.11
C GLY C 269 5.24 -44.02 -14.33
N ILE C 270 4.20 -44.15 -13.50
CA ILE C 270 3.06 -43.25 -13.63
C ILE C 270 2.86 -42.51 -12.31
N THR C 271 2.99 -41.19 -12.39
CA THR C 271 2.84 -40.33 -11.24
C THR C 271 1.39 -40.34 -10.77
N CYS C 272 1.21 -40.67 -9.49
CA CYS C 272 -0.12 -40.71 -8.89
C CYS C 272 -0.77 -39.34 -8.91
N ARG C 273 -1.75 -39.16 -9.77
CA ARG C 273 -2.43 -37.88 -9.84
C ARG C 273 -3.79 -38.03 -10.51
N LYS C 274 -4.68 -37.06 -10.33
CA LYS C 274 -5.99 -37.15 -10.92
C LYS C 274 -6.08 -36.31 -12.20
N PHE C 275 -5.05 -35.52 -12.46
CA PHE C 275 -5.04 -34.70 -13.66
C PHE C 275 -3.73 -34.83 -14.41
N ASP C 276 -3.53 -34.00 -15.42
CA ASP C 276 -2.31 -34.06 -16.21
C ASP C 276 -2.23 -32.89 -17.18
N THR C 277 -1.10 -32.20 -17.14
CA THR C 277 -0.92 -31.05 -18.00
C THR C 277 -0.30 -31.47 -19.32
N VAL C 278 -1.00 -31.18 -20.42
CA VAL C 278 -0.52 -31.55 -21.74
C VAL C 278 -0.76 -30.40 -22.67
N GLN C 279 0.01 -30.35 -23.75
CA GLN C 279 -0.14 -29.30 -24.75
C GLN C 279 -1.56 -29.32 -25.31
N ALA C 280 -2.06 -28.15 -25.73
CA ALA C 280 -3.40 -28.04 -26.29
C ALA C 280 -3.34 -28.02 -27.83
N SER C 281 -2.86 -29.13 -28.42
CA SER C 281 -2.74 -29.25 -29.87
C SER C 281 -2.54 -30.73 -30.23
N GLU C 282 -2.06 -30.99 -31.45
CA GLU C 282 -1.81 -32.35 -31.92
C GLU C 282 -0.31 -32.65 -31.97
N LYS C 285 -0.93 -36.28 -30.64
CA LYS C 285 -1.54 -36.23 -29.32
C LYS C 285 -0.69 -37.02 -28.33
N SER C 286 0.50 -37.41 -28.81
CA SER C 286 1.47 -38.18 -28.02
C SER C 286 2.88 -37.61 -28.20
N GLY C 287 3.76 -37.92 -27.24
CA GLY C 287 5.13 -37.42 -27.33
C GLY C 287 5.68 -36.84 -26.05
N ILE C 288 6.47 -35.77 -26.18
CA ILE C 288 7.06 -35.13 -25.02
C ILE C 288 6.28 -33.87 -24.69
N ILE C 289 6.20 -33.54 -23.41
CA ILE C 289 5.48 -32.35 -22.96
C ILE C 289 6.41 -31.24 -22.47
N THR C 290 6.95 -30.47 -23.41
CA THR C 290 7.84 -29.35 -23.08
C THR C 290 7.06 -28.06 -22.91
N SER C 291 7.59 -27.18 -22.06
CA SER C 291 6.98 -25.90 -21.77
C SER C 291 7.61 -24.78 -22.57
N ASP C 292 6.98 -23.62 -22.55
CA ASP C 292 7.47 -22.42 -23.25
C ASP C 292 7.54 -22.68 -24.74
N VAL C 293 6.87 -23.75 -25.15
CA VAL C 293 6.83 -24.14 -26.53
C VAL C 293 5.47 -23.76 -27.10
N GLY C 294 4.50 -23.62 -26.21
CA GLY C 294 3.16 -23.26 -26.64
C GLY C 294 2.25 -23.11 -25.45
N ASP C 295 1.02 -23.61 -25.60
CA ASP C 295 0.00 -23.54 -24.55
C ASP C 295 -0.46 -24.90 -24.04
N LEU C 296 0.00 -25.27 -22.85
CA LEU C 296 -0.38 -26.55 -22.24
C LEU C 296 -1.59 -26.40 -21.31
N THR C 297 -2.69 -27.06 -21.66
CA THR C 297 -3.90 -27.03 -20.85
C THR C 297 -3.98 -28.28 -19.99
N LEU C 298 -5.04 -28.39 -19.19
CA LEU C 298 -5.21 -29.55 -18.32
C LEU C 298 -6.07 -30.66 -18.97
N SER C 299 -5.93 -31.89 -18.49
CA SER C 299 -6.71 -33.02 -18.99
C SER C 299 -7.04 -33.97 -17.86
N LYS C 300 -8.30 -34.01 -17.45
CA LYS C 300 -8.74 -34.89 -16.36
C LYS C 300 -8.60 -36.33 -16.81
N ARG C 301 -7.69 -37.06 -16.20
CA ARG C 301 -7.52 -38.43 -16.62
C ARG C 301 -8.64 -39.29 -16.10
N GLY C 302 -9.05 -40.24 -16.92
CA GLY C 302 -10.12 -41.14 -16.52
C GLY C 302 -9.49 -42.49 -16.22
N LEU C 303 -10.33 -43.51 -16.19
CA LEU C 303 -9.87 -44.85 -15.93
C LEU C 303 -9.06 -45.33 -17.11
N ARG C 304 -7.93 -45.97 -16.82
CA ARG C 304 -7.04 -46.47 -17.86
C ARG C 304 -6.72 -47.93 -17.65
N THR C 305 -6.61 -48.65 -18.76
CA THR C 305 -6.26 -50.06 -18.69
C THR C 305 -5.16 -50.27 -19.70
N SER C 306 -4.06 -50.89 -19.27
CA SER C 306 -2.96 -51.14 -20.17
C SER C 306 -2.63 -52.62 -20.27
N PHE C 307 -2.17 -53.01 -21.46
CA PHE C 307 -1.81 -54.39 -21.73
C PHE C 307 -0.34 -54.43 -22.12
N THR C 308 0.48 -54.85 -21.18
CA THR C 308 1.91 -54.93 -21.43
C THR C 308 2.32 -56.33 -21.85
N PHE C 309 3.01 -56.43 -22.98
CA PHE C 309 3.47 -57.72 -23.48
C PHE C 309 4.97 -57.86 -23.39
N ARG C 310 5.45 -58.91 -22.73
CA ARG C 310 6.90 -59.12 -22.59
C ARG C 310 7.27 -60.56 -22.94
N LYS C 311 8.49 -60.78 -23.41
CA LYS C 311 8.88 -62.16 -23.75
C LYS C 311 9.87 -62.68 -22.72
N VAL C 312 9.50 -63.77 -22.04
CA VAL C 312 10.34 -64.38 -21.01
C VAL C 312 11.73 -64.67 -21.55
N ARG C 313 12.73 -64.34 -20.76
CA ARG C 313 14.12 -64.53 -21.15
C ARG C 313 14.66 -65.82 -20.54
N GLN C 314 15.27 -66.64 -21.38
CA GLN C 314 15.83 -67.93 -20.96
C GLN C 314 17.27 -67.85 -20.43
N THR C 315 18.00 -66.84 -20.88
CA THR C 315 19.38 -66.66 -20.46
C THR C 315 19.60 -65.32 -19.76
N PRO C 316 20.68 -65.20 -18.98
CA PRO C 316 20.93 -63.94 -18.28
C PRO C 316 21.25 -62.81 -19.27
N CYS C 317 20.89 -61.59 -18.87
CA CYS C 317 21.12 -60.43 -19.70
C CYS C 317 22.61 -60.11 -19.75
N ASN C 318 23.02 -59.42 -20.80
CA ASN C 318 24.43 -59.05 -20.98
C ASN C 318 24.56 -57.67 -21.60
N CYS C 319 23.52 -56.86 -21.45
CA CYS C 319 23.48 -55.51 -22.01
C CYS C 319 24.61 -54.60 -21.53
N SER C 320 24.78 -53.48 -22.22
CA SER C 320 25.83 -52.54 -21.89
C SER C 320 25.44 -51.66 -20.70
N TYR C 321 24.50 -52.13 -19.89
CA TYR C 321 24.05 -51.38 -18.74
C TYR C 321 24.09 -52.25 -17.50
N PRO C 322 25.28 -52.74 -17.16
CA PRO C 322 25.47 -53.62 -16.00
C PRO C 322 25.04 -53.06 -14.66
N LEU C 323 24.98 -51.74 -14.52
CA LEU C 323 24.58 -51.16 -13.24
C LEU C 323 23.15 -51.49 -12.86
N VAL C 324 22.21 -51.39 -13.81
CA VAL C 324 20.80 -51.69 -13.54
C VAL C 324 20.39 -53.13 -13.84
N CYS C 325 21.37 -53.93 -14.28
CA CYS C 325 21.15 -55.32 -14.63
C CYS C 325 21.39 -56.24 -13.44
N ASP C 326 20.33 -56.90 -13.02
CA ASP C 326 20.40 -57.81 -11.89
C ASP C 326 21.19 -59.05 -12.28
N SER C 327 20.95 -59.56 -13.48
CA SER C 327 21.66 -60.76 -13.93
C SER C 327 23.17 -60.51 -13.92
N GLN C 328 23.57 -59.24 -13.85
CA GLN C 328 24.98 -58.89 -13.83
C GLN C 328 25.45 -58.63 -12.40
N ARG C 329 24.77 -57.75 -11.68
CA ARG C 329 25.16 -57.47 -10.30
C ARG C 329 25.38 -58.78 -9.54
N LYS C 330 24.71 -59.84 -9.99
CA LYS C 330 24.78 -61.20 -9.40
C LYS C 330 26.22 -61.75 -9.37
N GLU C 331 26.89 -61.62 -10.50
CA GLU C 331 28.26 -62.07 -10.67
C GLU C 331 29.24 -61.32 -9.77
N ASN C 332 28.79 -60.78 -8.65
CA ASN C 332 29.68 -60.03 -7.74
C ASN C 332 29.02 -59.86 -6.36
N THR D 4 28.33 -15.36 -26.88
CA THR D 4 28.96 -14.26 -26.09
C THR D 4 28.50 -14.27 -24.62
N LEU D 5 27.23 -13.99 -24.38
CA LEU D 5 26.67 -13.96 -23.03
C LEU D 5 26.06 -15.30 -22.69
N LEU D 6 25.99 -16.17 -23.70
CA LEU D 6 25.45 -17.51 -23.52
C LEU D 6 26.32 -18.31 -22.55
N ARG D 7 27.57 -17.87 -22.41
CA ARG D 7 28.52 -18.52 -21.50
C ARG D 7 27.94 -18.48 -20.07
N HIS D 8 27.60 -17.27 -19.61
CA HIS D 8 27.06 -17.11 -18.26
C HIS D 8 25.64 -17.66 -18.18
N GLU D 9 24.97 -17.67 -19.32
CA GLU D 9 23.60 -18.15 -19.41
C GLU D 9 23.49 -19.67 -19.31
N GLY D 10 24.63 -20.36 -19.35
CA GLY D 10 24.59 -21.80 -19.26
C GLY D 10 24.08 -22.49 -20.51
N ILE D 11 24.41 -21.95 -21.68
CA ILE D 11 23.96 -22.52 -22.93
C ILE D 11 25.15 -23.07 -23.72
N GLU D 12 25.20 -24.39 -23.89
CA GLU D 12 26.30 -25.00 -24.63
C GLU D 12 26.05 -24.98 -26.15
N THR D 13 27.06 -24.59 -26.92
CA THR D 13 26.92 -24.54 -28.37
C THR D 13 27.89 -25.47 -29.07
N VAL D 14 27.52 -25.96 -30.25
CA VAL D 14 28.38 -26.85 -30.99
C VAL D 14 28.76 -26.21 -32.30
N SER D 15 29.84 -26.71 -32.91
CA SER D 15 30.30 -26.17 -34.16
C SER D 15 29.86 -26.95 -35.39
N TYR D 16 28.92 -27.87 -35.22
CA TYR D 16 28.41 -28.64 -36.35
C TYR D 16 26.89 -28.49 -36.44
N ALA D 17 26.35 -28.56 -37.64
CA ALA D 17 24.91 -28.41 -37.83
C ALA D 17 24.08 -29.38 -37.00
N THR D 18 22.98 -28.88 -36.46
CA THR D 18 22.05 -29.69 -35.67
C THR D 18 20.65 -29.16 -35.93
N GLN D 19 19.64 -29.94 -35.60
CA GLN D 19 18.26 -29.52 -35.83
C GLN D 19 17.84 -28.32 -35.00
N SER D 20 18.44 -28.17 -33.83
CA SER D 20 18.11 -27.06 -32.95
C SER D 20 19.19 -26.00 -32.89
N LEU D 21 18.78 -24.78 -32.57
CA LEU D 21 19.72 -23.69 -32.41
C LEU D 21 19.19 -22.58 -31.50
N VAL D 22 20.10 -21.90 -30.81
CA VAL D 22 19.74 -20.80 -29.93
C VAL D 22 19.72 -19.51 -30.75
N VAL D 23 18.70 -18.68 -30.49
CA VAL D 23 18.54 -17.43 -31.19
C VAL D 23 18.71 -16.28 -30.24
N ALA D 24 19.94 -15.76 -30.21
CA ALA D 24 20.31 -14.65 -29.35
C ALA D 24 19.52 -13.41 -29.69
N ASN D 25 19.11 -12.67 -28.68
CA ASN D 25 18.34 -11.45 -28.87
C ASN D 25 16.99 -11.72 -29.51
N GLY D 26 16.59 -12.98 -29.55
CA GLY D 26 15.30 -13.30 -30.13
C GLY D 26 14.36 -13.80 -29.06
N GLY D 27 14.56 -13.39 -27.82
CA GLY D 27 13.71 -13.84 -26.74
C GLY D 27 12.67 -12.84 -26.31
N LEU D 28 11.71 -13.27 -25.50
CA LEU D 28 10.67 -12.39 -25.00
C LEU D 28 11.29 -11.30 -24.16
N GLY D 29 12.27 -11.66 -23.35
CA GLY D 29 12.93 -10.69 -22.48
C GLY D 29 13.71 -9.63 -23.22
N ASN D 30 13.58 -9.61 -24.54
CA ASN D 30 14.32 -8.65 -25.32
C ASN D 30 13.36 -7.80 -26.13
N GLY D 31 12.09 -8.15 -26.07
CA GLY D 31 11.08 -7.41 -26.79
C GLY D 31 10.69 -8.07 -28.10
N VAL D 32 11.15 -9.29 -28.32
CA VAL D 32 10.81 -10.01 -29.55
C VAL D 32 9.65 -10.94 -29.26
N SER D 33 8.56 -10.78 -30.02
CA SER D 33 7.38 -11.62 -29.82
C SER D 33 7.42 -12.87 -30.68
N ARG D 34 6.60 -13.85 -30.35
CA ARG D 34 6.55 -15.09 -31.10
C ARG D 34 5.98 -14.83 -32.50
N ASN D 35 5.05 -13.88 -32.61
CA ASN D 35 4.47 -13.56 -33.90
C ASN D 35 5.48 -12.83 -34.75
N GLN D 36 6.55 -12.36 -34.12
CA GLN D 36 7.60 -11.62 -34.80
C GLN D 36 8.65 -12.55 -35.38
N LEU D 37 9.27 -13.32 -34.50
CA LEU D 37 10.34 -14.25 -34.86
C LEU D 37 9.92 -15.45 -35.68
N LEU D 38 8.86 -16.13 -35.24
CA LEU D 38 8.36 -17.32 -35.92
C LEU D 38 8.27 -17.18 -37.44
N PRO D 39 7.74 -16.03 -37.93
CA PRO D 39 7.64 -15.83 -39.37
C PRO D 39 9.01 -15.82 -40.03
N VAL D 40 9.95 -15.08 -39.44
CA VAL D 40 11.30 -15.00 -39.97
C VAL D 40 11.98 -16.36 -39.99
N LEU D 41 11.70 -17.18 -38.98
CA LEU D 41 12.30 -18.49 -38.89
C LEU D 41 11.79 -19.45 -39.96
N GLU D 42 10.47 -19.46 -40.15
CA GLU D 42 9.85 -20.35 -41.13
C GLU D 42 10.28 -20.06 -42.57
N LYS D 43 10.80 -18.87 -42.80
CA LYS D 43 11.27 -18.48 -44.11
C LYS D 43 12.46 -19.35 -44.55
N CYS D 44 13.00 -20.15 -43.63
CA CYS D 44 14.15 -21.02 -43.91
C CYS D 44 13.76 -22.48 -43.84
N GLY D 45 12.55 -22.77 -43.37
CA GLY D 45 12.15 -24.15 -43.30
C GLY D 45 10.94 -24.39 -42.43
N LEU D 46 10.70 -25.66 -42.14
CA LEU D 46 9.59 -26.06 -41.31
C LEU D 46 10.03 -26.04 -39.85
N VAL D 47 9.54 -25.05 -39.11
CA VAL D 47 9.89 -24.91 -37.70
C VAL D 47 9.04 -25.82 -36.81
N ASP D 48 9.65 -26.91 -36.35
CA ASP D 48 8.97 -27.87 -35.50
C ASP D 48 8.68 -27.35 -34.10
N ALA D 49 9.46 -26.37 -33.65
CA ALA D 49 9.25 -25.81 -32.32
C ALA D 49 10.03 -24.54 -32.10
N LEU D 50 9.39 -23.57 -31.43
CA LEU D 50 10.02 -22.30 -31.12
C LEU D 50 9.87 -22.16 -29.62
N LEU D 51 10.91 -22.51 -28.88
CA LEU D 51 10.86 -22.43 -27.43
C LEU D 51 11.35 -21.04 -26.96
N MET D 52 10.44 -20.30 -26.34
CA MET D 52 10.73 -18.96 -25.86
C MET D 52 10.61 -18.81 -24.36
N PRO D 53 11.70 -19.07 -23.64
CA PRO D 53 11.67 -18.93 -22.19
C PRO D 53 11.40 -17.47 -21.80
N PRO D 54 10.51 -17.24 -20.85
CA PRO D 54 10.15 -15.90 -20.38
C PRO D 54 11.30 -15.14 -19.71
N ASN D 55 11.28 -13.83 -19.89
CA ASN D 55 12.30 -12.94 -19.34
C ASN D 55 13.70 -13.29 -19.76
N LYS D 56 13.82 -13.85 -20.96
CA LYS D 56 15.14 -14.20 -21.49
C LYS D 56 15.39 -13.51 -22.79
N PRO D 57 16.61 -13.00 -22.98
CA PRO D 57 17.01 -12.29 -24.19
C PRO D 57 17.40 -13.27 -25.29
N TYR D 58 16.63 -14.35 -25.42
CA TYR D 58 16.89 -15.38 -26.42
C TYR D 58 15.84 -16.46 -26.41
N SER D 59 15.75 -17.20 -27.52
CA SER D 59 14.80 -18.28 -27.65
C SER D 59 15.44 -19.41 -28.43
N PHE D 60 14.79 -20.57 -28.42
CA PHE D 60 15.33 -21.73 -29.11
C PHE D 60 14.45 -22.18 -30.26
N ALA D 61 15.07 -22.47 -31.39
CA ALA D 61 14.34 -22.91 -32.56
C ALA D 61 14.80 -24.30 -32.99
N ARG D 62 13.85 -25.12 -33.41
CA ARG D 62 14.15 -26.47 -33.88
C ARG D 62 13.43 -26.75 -35.20
N TYR D 63 14.19 -27.14 -36.22
CA TYR D 63 13.60 -27.44 -37.52
C TYR D 63 13.41 -28.93 -37.74
N ARG D 64 12.66 -29.29 -38.78
CA ARG D 64 12.40 -30.69 -39.05
C ARG D 64 13.71 -31.40 -39.43
N THR D 65 14.51 -30.76 -40.27
CA THR D 65 15.77 -31.36 -40.69
C THR D 65 16.96 -30.50 -40.29
N THR D 66 18.09 -31.16 -40.09
CA THR D 66 19.31 -30.49 -39.71
C THR D 66 19.82 -29.59 -40.85
N GLU D 67 19.35 -29.86 -42.06
CA GLU D 67 19.77 -29.08 -43.21
C GLU D 67 19.10 -27.70 -43.19
N GLU D 68 17.79 -27.68 -42.90
CA GLU D 68 17.03 -26.43 -42.85
C GLU D 68 17.61 -25.53 -41.78
N SER D 69 18.01 -26.14 -40.69
CA SER D 69 18.58 -25.42 -39.57
C SER D 69 19.86 -24.70 -40.02
N LYS D 70 20.69 -25.42 -40.76
CA LYS D 70 21.95 -24.84 -41.24
C LYS D 70 21.66 -23.65 -42.16
N ARG D 71 20.53 -23.69 -42.85
CA ARG D 71 20.14 -22.61 -43.75
C ARG D 71 19.90 -21.34 -42.95
N ALA D 72 19.20 -21.52 -41.84
CA ALA D 72 18.87 -20.42 -40.95
C ALA D 72 20.16 -19.87 -40.34
N TYR D 73 21.03 -20.77 -39.89
CA TYR D 73 22.28 -20.35 -39.30
C TYR D 73 23.08 -19.47 -40.25
N VAL D 74 23.09 -19.81 -41.53
CA VAL D 74 23.86 -19.05 -42.52
C VAL D 74 23.13 -17.88 -43.19
N THR D 75 21.81 -17.82 -43.06
CA THR D 75 21.06 -16.72 -43.69
C THR D 75 20.47 -15.70 -42.71
N LEU D 76 20.02 -16.18 -41.55
CA LEU D 76 19.42 -15.33 -40.55
C LEU D 76 20.44 -14.70 -39.61
N ASN D 77 21.62 -15.32 -39.50
CA ASN D 77 22.62 -14.77 -38.62
C ASN D 77 22.95 -13.34 -38.99
N GLY D 78 22.61 -12.40 -38.11
CA GLY D 78 22.91 -11.01 -38.40
C GLY D 78 21.69 -10.21 -38.84
N LYS D 79 20.60 -10.92 -39.14
CA LYS D 79 19.37 -10.27 -39.59
C LYS D 79 18.82 -9.37 -38.49
N GLU D 80 18.23 -8.25 -38.89
CA GLU D 80 17.64 -7.32 -37.93
C GLU D 80 16.14 -7.51 -37.83
N VAL D 81 15.61 -7.18 -36.66
CA VAL D 81 14.18 -7.26 -36.40
C VAL D 81 13.78 -6.13 -35.48
N VAL D 82 12.50 -5.77 -35.54
CA VAL D 82 11.98 -4.69 -34.71
C VAL D 82 11.15 -5.23 -33.56
N ASP D 83 11.51 -4.78 -32.36
CA ASP D 83 10.80 -5.21 -31.15
C ASP D 83 9.62 -4.31 -30.88
N ASP D 84 8.93 -4.57 -29.77
CA ASP D 84 7.77 -3.79 -29.38
C ASP D 84 8.16 -2.37 -28.93
N LEU D 85 9.47 -2.13 -28.91
CA LEU D 85 10.02 -0.84 -28.52
C LEU D 85 10.31 -0.01 -29.77
N GLY D 86 9.99 -0.59 -30.92
CA GLY D 86 10.22 0.10 -32.18
C GLY D 86 11.71 0.31 -32.39
N GLN D 87 12.49 -0.69 -32.01
CA GLN D 87 13.93 -0.60 -32.17
C GLN D 87 14.50 -1.73 -33.03
N LYS D 88 15.71 -1.49 -33.51
CA LYS D 88 16.40 -2.46 -34.36
C LYS D 88 17.32 -3.31 -33.53
N ILE D 89 17.21 -4.63 -33.70
CA ILE D 89 18.05 -5.58 -32.98
C ILE D 89 18.44 -6.71 -33.92
N THR D 90 19.74 -7.02 -33.93
CA THR D 90 20.26 -8.08 -34.78
C THR D 90 20.21 -9.44 -34.07
N LEU D 91 19.93 -10.48 -34.84
CA LEU D 91 19.84 -11.83 -34.30
C LEU D 91 21.13 -12.60 -34.52
N TYR D 92 21.44 -13.51 -33.60
CA TYR D 92 22.64 -14.33 -33.71
C TYR D 92 22.27 -15.74 -33.36
N LEU D 93 22.34 -16.63 -34.34
CA LEU D 93 21.99 -18.03 -34.10
C LEU D 93 23.20 -18.91 -33.96
N ASN D 94 23.05 -19.97 -33.17
CA ASN D 94 24.11 -20.91 -32.92
C ASN D 94 23.57 -22.32 -32.72
N PHE D 95 24.29 -23.31 -33.23
CA PHE D 95 23.83 -24.68 -33.06
C PHE D 95 23.97 -25.18 -31.63
N VAL D 96 22.92 -25.84 -31.15
CA VAL D 96 22.97 -26.41 -29.81
C VAL D 96 22.61 -27.88 -29.88
N GLU D 97 23.25 -28.68 -29.04
CA GLU D 97 22.98 -30.10 -29.06
C GLU D 97 21.75 -30.36 -28.20
N LYS D 98 21.62 -29.57 -27.13
CA LYS D 98 20.48 -29.71 -26.22
C LYS D 98 19.93 -28.34 -25.83
N VAL D 99 18.64 -28.29 -25.57
CA VAL D 99 18.00 -27.05 -25.20
C VAL D 99 17.90 -26.88 -23.70
N GLN D 100 18.80 -26.12 -23.11
CA GLN D 100 18.77 -25.88 -21.68
C GLN D 100 19.50 -24.59 -21.34
N TRP D 101 19.09 -23.96 -20.25
CA TRP D 101 19.69 -22.69 -19.81
C TRP D 101 19.66 -22.58 -18.30
N LYS D 102 20.32 -21.56 -17.76
CA LYS D 102 20.34 -21.36 -16.31
C LYS D 102 19.41 -20.22 -15.88
N GLU D 103 18.72 -20.43 -14.76
CA GLU D 103 17.82 -19.43 -14.21
C GLU D 103 18.50 -18.86 -12.99
N LEU D 104 18.68 -17.54 -12.94
CA LEU D 104 19.31 -16.88 -11.82
C LEU D 104 18.32 -15.92 -11.18
N ARG D 105 18.33 -15.85 -9.86
CA ARG D 105 17.43 -14.98 -9.11
C ARG D 105 18.20 -14.28 -8.00
N PRO D 106 18.87 -13.16 -8.33
CA PRO D 106 19.64 -12.42 -7.33
C PRO D 106 18.79 -12.08 -6.12
N GLN D 107 19.37 -12.11 -4.92
CA GLN D 107 18.62 -11.85 -3.69
C GLN D 107 18.98 -10.57 -2.94
N ALA D 108 20.07 -9.91 -3.35
CA ALA D 108 20.51 -8.69 -2.68
C ALA D 108 21.07 -7.66 -3.67
N LEU D 109 20.77 -6.39 -3.45
CA LEU D 109 21.30 -5.38 -4.36
C LEU D 109 22.79 -5.58 -4.54
N PRO D 110 23.35 -5.10 -5.66
CA PRO D 110 24.78 -5.28 -5.84
C PRO D 110 25.50 -4.69 -4.64
N PRO D 111 26.65 -5.26 -4.28
CA PRO D 111 27.46 -4.80 -3.15
C PRO D 111 27.86 -3.33 -3.20
N GLY D 112 27.42 -2.57 -2.21
CA GLY D 112 27.73 -1.15 -2.12
C GLY D 112 26.55 -0.27 -2.47
N LEU D 113 25.43 -0.90 -2.81
CA LEU D 113 24.22 -0.18 -3.21
C LEU D 113 23.13 -0.33 -2.15
N MET D 114 22.31 0.70 -2.00
CA MET D 114 21.22 0.65 -1.04
C MET D 114 20.30 1.82 -1.31
N VAL D 115 19.04 1.68 -0.92
CA VAL D 115 18.08 2.76 -1.16
C VAL D 115 17.47 3.34 0.13
N VAL D 116 17.34 4.66 0.16
CA VAL D 116 16.76 5.34 1.32
C VAL D 116 15.30 5.68 1.07
N GLU D 117 14.43 4.94 1.75
CA GLU D 117 12.98 5.12 1.64
C GLU D 117 12.50 6.46 2.17
N GLU D 118 11.74 7.18 1.36
CA GLU D 118 11.18 8.47 1.77
C GLU D 118 12.19 9.35 2.55
N ILE D 119 13.35 9.57 1.96
CA ILE D 119 14.38 10.36 2.61
C ILE D 119 13.96 11.82 2.77
N ILE D 120 12.92 12.21 2.05
CA ILE D 120 12.41 13.57 2.14
C ILE D 120 10.89 13.56 2.10
N SER D 121 10.30 14.70 2.45
CA SER D 121 8.85 14.84 2.45
C SER D 121 8.38 15.30 1.10
N SER D 122 7.08 15.17 0.87
CA SER D 122 6.45 15.57 -0.39
C SER D 122 6.60 17.06 -0.66
N GLU D 123 6.46 17.86 0.40
CA GLU D 123 6.58 19.30 0.26
C GLU D 123 7.98 19.65 -0.16
N GLU D 124 8.95 18.98 0.47
CA GLU D 124 10.36 19.18 0.17
C GLU D 124 10.62 18.78 -1.28
N GLU D 125 10.08 17.62 -1.65
CA GLU D 125 10.20 17.12 -3.01
C GLU D 125 9.68 18.18 -3.99
N LYS D 126 8.58 18.83 -3.62
CA LYS D 126 8.00 19.86 -4.47
C LYS D 126 8.81 21.13 -4.40
N MET D 127 9.43 21.37 -3.25
CA MET D 127 10.25 22.58 -3.09
C MET D 127 11.51 22.42 -3.95
N LEU D 128 11.98 21.19 -4.15
CA LEU D 128 13.17 20.94 -4.96
C LEU D 128 12.87 21.00 -6.43
N LEU D 129 11.81 20.33 -6.83
CA LEU D 129 11.39 20.29 -8.22
C LEU D 129 11.20 21.69 -8.78
N GLU D 130 10.45 22.52 -8.05
CA GLU D 130 10.16 23.86 -8.50
C GLU D 130 11.36 24.80 -8.53
N SER D 131 12.41 24.45 -7.81
CA SER D 131 13.60 25.30 -7.75
C SER D 131 14.63 24.98 -8.83
N VAL D 132 14.26 24.16 -9.81
CA VAL D 132 15.19 23.80 -10.88
C VAL D 132 15.34 24.91 -11.91
N ASP D 133 16.56 25.13 -12.37
CA ASP D 133 16.82 26.17 -13.36
C ASP D 133 17.43 25.59 -14.64
N TRP D 134 16.63 25.51 -15.70
CA TRP D 134 17.14 24.97 -16.94
C TRP D 134 17.98 25.94 -17.77
N THR D 135 18.39 27.06 -17.19
CA THR D 135 19.18 28.05 -17.92
C THR D 135 20.67 27.95 -17.61
N HIS D 149 18.36 12.39 -25.42
CA HIS D 149 17.16 13.18 -25.65
C HIS D 149 16.63 13.76 -24.31
N ARG D 150 17.04 13.16 -23.20
CA ARG D 150 16.64 13.62 -21.86
C ARG D 150 17.30 14.96 -21.54
N ARG D 151 16.73 15.70 -20.60
CA ARG D 151 17.27 17.01 -20.22
C ARG D 151 18.28 16.90 -19.09
N VAL D 152 19.36 17.65 -19.19
CA VAL D 152 20.39 17.61 -18.18
C VAL D 152 20.97 18.98 -17.94
N LYS D 153 21.69 19.10 -16.83
CA LYS D 153 22.32 20.35 -16.44
C LYS D 153 23.27 20.02 -15.28
N HIS D 154 24.53 20.42 -15.42
CA HIS D 154 25.51 20.14 -14.38
C HIS D 154 25.71 21.31 -13.43
N PHE D 155 26.09 20.98 -12.19
CA PHE D 155 26.34 21.94 -11.11
C PHE D 155 27.60 21.57 -10.30
N GLY D 156 28.09 22.55 -9.55
CA GLY D 156 29.29 22.34 -8.74
C GLY D 156 30.55 22.64 -9.53
N TYR D 157 30.71 21.93 -10.64
CA TYR D 157 31.86 22.05 -11.54
C TYR D 157 31.44 22.19 -13.00
N LEU D 176 26.77 25.14 -7.11
CA LEU D 176 25.90 24.18 -6.43
C LEU D 176 24.75 24.88 -5.68
N PRO D 177 23.47 24.67 -6.10
CA PRO D 177 22.33 25.33 -5.44
C PRO D 177 22.21 25.29 -3.91
N ASP D 178 21.66 26.37 -3.33
CA ASP D 178 21.50 26.47 -1.89
C ASP D 178 20.39 25.59 -1.34
N ILE D 179 19.37 25.37 -2.15
CA ILE D 179 18.24 24.55 -1.75
C ILE D 179 18.68 23.10 -1.61
N CYS D 180 19.98 22.90 -1.39
CA CYS D 180 20.53 21.56 -1.25
C CYS D 180 21.28 21.44 0.06
N GLU D 181 22.12 22.43 0.34
CA GLU D 181 22.94 22.42 1.53
C GLU D 181 22.26 21.80 2.74
N SER D 182 21.05 22.27 3.05
CA SER D 182 20.32 21.75 4.18
C SER D 182 20.11 20.25 4.09
N PHE D 183 19.73 19.78 2.90
CA PHE D 183 19.52 18.36 2.71
C PHE D 183 20.86 17.64 2.86
N LEU D 184 21.84 18.03 2.05
CA LEU D 184 23.15 17.41 2.14
C LEU D 184 23.64 17.34 3.57
N GLU D 185 23.51 18.46 4.29
CA GLU D 185 23.94 18.56 5.70
C GLU D 185 23.28 17.53 6.58
N LYS D 186 21.95 17.44 6.43
CA LYS D 186 21.14 16.51 7.20
C LYS D 186 21.59 15.08 6.87
N TRP D 187 21.79 14.80 5.58
CA TRP D 187 22.21 13.48 5.05
C TRP D 187 23.42 12.98 5.84
N LEU D 188 24.41 13.86 6.01
CA LEU D 188 25.63 13.52 6.73
C LEU D 188 25.29 13.23 8.19
N ARG D 189 24.61 14.16 8.84
CA ARG D 189 24.24 14.00 10.23
C ARG D 189 23.45 12.71 10.40
N LYS D 190 22.67 12.37 9.39
CA LYS D 190 21.89 11.15 9.44
C LYS D 190 22.74 9.93 9.09
N GLY D 191 23.88 10.14 8.44
CA GLY D 191 24.75 9.03 8.10
C GLY D 191 24.55 8.44 6.72
N TYR D 192 23.51 8.92 6.06
CA TYR D 192 23.16 8.50 4.72
C TYR D 192 24.35 8.67 3.79
N ILE D 193 24.97 9.84 3.85
CA ILE D 193 26.13 10.14 3.00
C ILE D 193 27.36 10.35 3.89
N LYS D 194 28.52 9.81 3.49
CA LYS D 194 29.73 9.93 4.32
C LYS D 194 30.54 11.20 4.04
N HIS D 195 30.32 11.81 2.88
CA HIS D 195 31.05 13.02 2.50
C HIS D 195 30.19 14.07 1.82
N LYS D 196 30.52 15.33 2.02
CA LYS D 196 29.75 16.40 1.40
C LYS D 196 30.23 16.51 -0.03
N PRO D 197 29.31 16.30 -0.99
CA PRO D 197 29.60 16.38 -2.42
C PRO D 197 29.77 17.83 -2.86
N ASP D 198 30.53 18.04 -3.93
CA ASP D 198 30.81 19.35 -4.48
C ASP D 198 30.55 19.37 -5.98
N GLN D 199 29.66 18.49 -6.42
CA GLN D 199 29.26 18.39 -7.83
C GLN D 199 27.89 17.72 -7.95
N MET D 200 26.96 18.38 -8.63
CA MET D 200 25.64 17.82 -8.79
C MET D 200 25.24 17.78 -10.25
N THR D 201 24.18 17.03 -10.55
CA THR D 201 23.68 16.88 -11.92
C THR D 201 22.20 16.51 -11.90
N ILE D 202 21.37 17.36 -12.52
CA ILE D 202 19.94 17.08 -12.58
C ILE D 202 19.60 16.45 -13.92
N ASN D 203 18.78 15.41 -13.88
CA ASN D 203 18.37 14.71 -15.08
C ASN D 203 16.87 14.59 -15.08
N GLN D 204 16.24 14.97 -16.17
CA GLN D 204 14.79 14.88 -16.24
C GLN D 204 14.39 13.81 -17.23
N TYR D 205 13.44 12.98 -16.86
CA TYR D 205 13.05 11.93 -17.75
C TYR D 205 11.55 11.83 -18.05
N GLU D 206 11.21 12.20 -19.28
CA GLU D 206 9.84 12.14 -19.77
C GLU D 206 9.58 10.67 -20.02
N PRO D 207 8.37 10.19 -19.71
CA PRO D 207 8.09 8.77 -19.94
C PRO D 207 8.65 8.28 -21.26
N GLY D 208 9.50 7.27 -21.16
CA GLY D 208 10.15 6.71 -22.32
C GLY D 208 11.60 7.13 -22.44
N GLN D 209 11.97 8.29 -21.91
CA GLN D 209 13.37 8.72 -22.00
C GLN D 209 14.14 7.94 -20.96
N GLY D 210 15.47 7.87 -21.12
CA GLY D 210 16.27 7.14 -20.18
C GLY D 210 17.76 7.44 -20.30
N ILE D 211 18.58 6.47 -19.90
CA ILE D 211 20.01 6.64 -19.96
C ILE D 211 20.68 5.31 -20.22
N PRO D 212 21.67 5.31 -21.12
CA PRO D 212 22.38 4.07 -21.46
C PRO D 212 23.25 3.53 -20.33
N ALA D 213 23.31 2.22 -20.22
CA ALA D 213 24.11 1.58 -19.20
C ALA D 213 25.51 2.16 -19.25
N HIS D 214 26.09 2.33 -18.07
CA HIS D 214 27.44 2.89 -17.97
C HIS D 214 27.91 2.96 -16.53
N ILE D 215 29.18 3.31 -16.39
CA ILE D 215 29.85 3.45 -15.11
C ILE D 215 30.44 4.85 -15.07
N ASP D 216 29.99 5.66 -14.11
CA ASP D 216 30.45 7.04 -13.98
C ASP D 216 31.95 7.02 -13.98
N THR D 217 32.54 7.81 -14.88
CA THR D 217 33.99 7.85 -15.02
C THR D 217 34.70 7.69 -13.68
N HIS D 218 35.82 6.96 -13.66
CA HIS D 218 36.52 6.77 -12.40
C HIS D 218 37.36 7.98 -12.07
N SER D 219 38.31 8.29 -12.92
CA SER D 219 39.18 9.42 -12.66
C SER D 219 38.41 10.67 -12.29
N ALA D 220 37.14 10.72 -12.68
CA ALA D 220 36.33 11.91 -12.42
C ALA D 220 35.81 12.07 -11.01
N PHE D 221 35.33 11.00 -10.40
CA PHE D 221 34.78 11.17 -9.07
C PHE D 221 35.28 10.20 -8.03
N GLU D 222 34.75 10.35 -6.84
CA GLU D 222 35.13 9.52 -5.72
C GLU D 222 34.16 8.37 -5.56
N ASP D 223 34.38 7.54 -4.55
CA ASP D 223 33.55 6.37 -4.30
C ASP D 223 32.07 6.60 -4.17
N GLU D 224 31.65 7.24 -3.09
CA GLU D 224 30.22 7.47 -2.87
C GLU D 224 29.55 8.43 -3.87
N ILE D 225 28.50 7.93 -4.52
CA ILE D 225 27.71 8.71 -5.48
C ILE D 225 26.26 8.40 -5.23
N VAL D 226 25.47 9.43 -4.95
CA VAL D 226 24.05 9.29 -4.64
C VAL D 226 23.16 10.10 -5.59
N SER D 227 21.92 9.61 -5.76
CA SER D 227 20.93 10.24 -6.63
C SER D 227 19.59 10.29 -5.94
N LEU D 228 18.97 11.46 -5.95
CA LEU D 228 17.69 11.65 -5.31
C LEU D 228 16.64 11.64 -6.39
N SER D 229 15.73 10.67 -6.35
CA SER D 229 14.72 10.61 -7.38
C SER D 229 13.49 11.42 -7.03
N LEU D 230 13.02 12.22 -7.98
CA LEU D 230 11.84 13.05 -7.79
C LEU D 230 10.89 12.86 -8.97
N GLY D 231 9.67 13.37 -8.84
CA GLY D 231 8.68 13.28 -9.91
C GLY D 231 7.84 12.02 -9.89
N SER D 232 8.49 10.90 -10.15
CA SER D 232 7.82 9.61 -10.17
C SER D 232 8.87 8.50 -10.02
N GLU D 233 8.38 7.30 -9.73
CA GLU D 233 9.19 6.09 -9.55
C GLU D 233 9.74 5.64 -10.89
N ILE D 234 10.85 4.91 -10.86
CA ILE D 234 11.43 4.41 -12.08
C ILE D 234 12.27 3.21 -11.72
N VAL D 235 12.75 2.47 -12.73
CA VAL D 235 13.57 1.29 -12.49
C VAL D 235 14.93 1.42 -13.16
N MET D 236 15.98 1.32 -12.34
CA MET D 236 17.33 1.42 -12.85
C MET D 236 17.92 0.01 -12.99
N ASP D 237 18.53 -0.27 -14.13
CA ASP D 237 19.10 -1.57 -14.35
C ASP D 237 20.62 -1.60 -14.10
N PHE D 238 21.01 -2.41 -13.10
CA PHE D 238 22.42 -2.58 -12.73
C PHE D 238 22.91 -3.89 -13.31
N LYS D 239 23.99 -3.83 -14.08
CA LYS D 239 24.56 -5.03 -14.72
C LYS D 239 26.01 -5.32 -14.33
N HIS D 240 26.32 -6.61 -14.13
CA HIS D 240 27.65 -7.06 -13.77
C HIS D 240 28.31 -7.62 -15.03
N PRO D 241 29.60 -7.34 -15.21
CA PRO D 241 30.36 -7.82 -16.37
C PRO D 241 30.31 -9.32 -16.57
N ASP D 242 29.93 -10.05 -15.53
CA ASP D 242 29.86 -11.50 -15.66
C ASP D 242 28.49 -11.94 -16.22
N GLY D 243 27.49 -11.06 -16.12
CA GLY D 243 26.17 -11.40 -16.62
C GLY D 243 24.98 -11.08 -15.71
N ILE D 244 25.14 -11.28 -14.41
CA ILE D 244 24.06 -10.99 -13.46
C ILE D 244 23.42 -9.64 -13.72
N ALA D 245 22.09 -9.58 -13.77
CA ALA D 245 21.38 -8.29 -13.98
C ALA D 245 20.36 -8.13 -12.85
N VAL D 246 20.40 -6.96 -12.23
CA VAL D 246 19.53 -6.65 -11.11
C VAL D 246 18.72 -5.39 -11.35
N PRO D 247 17.41 -5.53 -11.60
CA PRO D 247 16.55 -4.36 -11.82
C PRO D 247 16.19 -3.67 -10.48
N VAL D 248 16.84 -2.54 -10.22
CA VAL D 248 16.57 -1.81 -9.00
C VAL D 248 15.44 -0.82 -9.13
N MET D 249 14.44 -0.97 -8.26
CA MET D 249 13.25 -0.12 -8.24
C MET D 249 13.48 1.14 -7.41
N LEU D 250 13.67 2.29 -8.05
CA LEU D 250 13.91 3.54 -7.34
C LEU D 250 12.65 4.36 -7.13
N PRO D 251 12.00 4.22 -5.97
CA PRO D 251 10.78 4.98 -5.72
C PRO D 251 11.04 6.48 -5.60
N ARG D 252 9.98 7.27 -5.68
CA ARG D 252 10.13 8.72 -5.60
C ARG D 252 10.48 9.14 -4.17
N ARG D 253 11.20 10.24 -4.06
CA ARG D 253 11.59 10.74 -2.77
C ARG D 253 12.64 9.87 -2.09
N SER D 254 13.20 8.92 -2.84
CA SER D 254 14.23 8.02 -2.30
C SER D 254 15.62 8.47 -2.70
N LEU D 255 16.63 7.90 -2.05
CA LEU D 255 18.01 8.25 -2.35
C LEU D 255 18.80 6.98 -2.57
N LEU D 256 19.47 6.93 -3.73
CA LEU D 256 20.29 5.77 -4.10
C LEU D 256 21.74 6.02 -3.79
N VAL D 257 22.22 5.37 -2.73
CA VAL D 257 23.61 5.47 -2.35
C VAL D 257 24.32 4.38 -3.10
N MET D 258 25.13 4.82 -4.06
CA MET D 258 25.91 3.93 -4.89
C MET D 258 27.37 4.05 -4.45
N THR D 259 27.98 2.94 -4.03
CA THR D 259 29.36 2.98 -3.56
C THR D 259 30.07 1.69 -3.96
N GLY D 260 31.25 1.47 -3.40
CA GLY D 260 32.00 0.26 -3.71
C GLY D 260 31.85 -0.35 -5.10
N GLU D 261 31.69 -1.66 -5.15
CA GLU D 261 31.55 -2.37 -6.43
C GLU D 261 30.38 -1.90 -7.28
N SER D 262 29.32 -1.45 -6.63
CA SER D 262 28.14 -0.98 -7.36
C SER D 262 28.41 0.30 -8.18
N ARG D 263 29.40 1.10 -7.78
CA ARG D 263 29.68 2.33 -8.51
C ARG D 263 30.90 2.27 -9.43
N TYR D 264 31.70 1.20 -9.27
CA TYR D 264 32.91 1.02 -10.06
C TYR D 264 32.85 -0.11 -11.12
N LEU D 265 32.19 -1.21 -10.79
CA LEU D 265 32.10 -2.33 -11.72
C LEU D 265 30.73 -2.45 -12.39
N TRP D 266 29.67 -2.54 -11.60
CA TRP D 266 28.33 -2.64 -12.15
C TRP D 266 27.99 -1.41 -12.99
N THR D 267 27.29 -1.60 -14.09
CA THR D 267 26.89 -0.46 -14.90
C THR D 267 25.42 -0.21 -14.58
N HIS D 268 24.99 1.04 -14.72
CA HIS D 268 23.59 1.36 -14.47
C HIS D 268 23.00 2.11 -15.64
N GLY D 269 21.69 1.97 -15.82
CA GLY D 269 21.00 2.63 -16.89
C GLY D 269 19.50 2.45 -16.76
N ILE D 270 18.75 3.13 -17.62
CA ILE D 270 17.29 3.05 -17.61
C ILE D 270 16.82 2.78 -19.02
N THR D 271 16.00 1.75 -19.18
CA THR D 271 15.51 1.44 -20.52
C THR D 271 14.60 2.55 -21.00
N CYS D 272 14.42 2.62 -22.31
CA CYS D 272 13.56 3.65 -22.87
C CYS D 272 12.13 3.14 -23.04
N ARG D 273 11.41 2.99 -21.93
CA ARG D 273 10.04 2.52 -21.95
C ARG D 273 9.12 3.47 -21.19
N LYS D 274 7.83 3.20 -21.19
CA LYS D 274 6.86 4.05 -20.52
C LYS D 274 6.17 3.29 -19.39
N PHE D 275 6.59 2.04 -19.19
CA PHE D 275 5.97 1.22 -18.16
C PHE D 275 6.99 0.30 -17.51
N ASP D 276 6.91 0.16 -16.19
CA ASP D 276 7.82 -0.70 -15.47
C ASP D 276 7.04 -1.74 -14.70
N THR D 277 7.45 -2.99 -14.79
CA THR D 277 6.78 -4.04 -14.07
C THR D 277 7.38 -4.12 -12.67
N VAL D 278 6.56 -3.84 -11.66
CA VAL D 278 6.99 -3.87 -10.27
C VAL D 278 6.16 -4.90 -9.49
N GLN D 279 6.65 -5.33 -8.33
CA GLN D 279 5.94 -6.31 -7.53
C GLN D 279 4.60 -5.77 -7.00
N ALA D 280 3.74 -6.67 -6.54
CA ALA D 280 2.42 -6.28 -6.04
C ALA D 280 2.44 -5.70 -4.62
N SER D 281 3.17 -6.36 -3.72
CA SER D 281 3.27 -5.92 -2.34
C SER D 281 3.98 -4.57 -2.19
N GLU D 282 5.25 -4.53 -2.59
CA GLU D 282 6.02 -3.31 -2.49
C GLU D 282 5.93 -2.50 -3.77
N SER D 283 4.74 -1.97 -4.04
CA SER D 283 4.48 -1.18 -5.23
C SER D 283 5.23 0.16 -5.19
N LEU D 284 5.69 0.54 -4.00
CA LEU D 284 6.42 1.77 -3.83
C LEU D 284 7.70 1.57 -3.01
N LYS D 285 8.06 0.31 -2.78
CA LYS D 285 9.27 0.01 -2.01
C LYS D 285 10.40 -0.48 -2.91
N SER D 286 11.63 -0.14 -2.53
CA SER D 286 12.81 -0.52 -3.28
C SER D 286 13.02 -2.02 -3.30
N GLY D 287 14.21 -2.45 -3.73
CA GLY D 287 14.51 -3.87 -3.78
C GLY D 287 14.66 -4.41 -5.19
N ILE D 288 14.99 -5.69 -5.28
CA ILE D 288 15.17 -6.34 -6.57
C ILE D 288 13.84 -6.90 -7.06
N ILE D 289 13.54 -6.61 -8.32
CA ILE D 289 12.31 -7.06 -8.93
C ILE D 289 12.52 -8.43 -9.56
N THR D 290 11.99 -9.46 -8.90
CA THR D 290 12.10 -10.82 -9.39
C THR D 290 10.75 -11.53 -9.20
N SER D 291 10.28 -12.23 -10.23
CA SER D 291 9.01 -12.94 -10.17
C SER D 291 9.20 -14.32 -9.52
N ASP D 292 8.10 -15.07 -9.47
CA ASP D 292 8.11 -16.41 -8.89
C ASP D 292 8.10 -16.30 -7.36
N VAL D 293 8.11 -15.07 -6.84
CA VAL D 293 8.09 -14.85 -5.39
C VAL D 293 6.79 -14.18 -4.99
N GLY D 294 5.98 -13.84 -5.99
CA GLY D 294 4.72 -13.19 -5.73
C GLY D 294 4.07 -12.70 -7.01
N ASP D 295 3.12 -11.78 -6.86
CA ASP D 295 2.41 -11.21 -8.00
C ASP D 295 3.13 -9.98 -8.57
N LEU D 296 2.77 -9.61 -9.80
CA LEU D 296 3.37 -8.47 -10.47
C LEU D 296 2.34 -7.59 -11.14
N THR D 297 2.50 -6.28 -11.01
CA THR D 297 1.57 -5.36 -11.62
C THR D 297 2.36 -4.34 -12.43
N LEU D 298 1.69 -3.61 -13.31
CA LEU D 298 2.38 -2.63 -14.14
C LEU D 298 2.35 -1.21 -13.55
N SER D 299 3.40 -0.44 -13.81
CA SER D 299 3.46 0.93 -13.28
C SER D 299 3.71 1.89 -14.45
N LYS D 300 2.90 2.93 -14.54
CA LYS D 300 3.04 3.88 -15.63
C LYS D 300 4.03 4.97 -15.28
N ARG D 301 5.22 4.92 -15.87
CA ARG D 301 6.20 5.96 -15.57
C ARG D 301 5.60 7.34 -15.77
N GLY D 302 6.19 8.30 -15.06
CA GLY D 302 5.75 9.68 -15.14
C GLY D 302 7.02 10.48 -15.28
N LEU D 303 6.90 11.79 -15.40
CA LEU D 303 8.09 12.62 -15.52
C LEU D 303 8.95 12.50 -14.26
N ARG D 304 10.17 11.99 -14.41
CA ARG D 304 11.06 11.86 -13.27
C ARG D 304 12.25 12.80 -13.38
N THR D 305 12.46 13.59 -12.33
CA THR D 305 13.56 14.53 -12.26
C THR D 305 14.54 13.89 -11.26
N SER D 306 15.84 14.03 -11.52
CA SER D 306 16.86 13.43 -10.68
C SER D 306 17.96 14.40 -10.27
N PHE D 307 18.52 14.15 -9.09
CA PHE D 307 19.60 14.96 -8.53
C PHE D 307 20.73 14.04 -8.19
N THR D 308 21.82 14.10 -8.95
CA THR D 308 22.96 13.22 -8.67
C THR D 308 24.10 13.99 -8.00
N PHE D 309 24.58 13.51 -6.85
CA PHE D 309 25.66 14.20 -6.16
C PHE D 309 26.96 13.42 -6.13
N ARG D 310 28.00 14.00 -6.69
CA ARG D 310 29.29 13.35 -6.71
C ARG D 310 30.34 14.17 -5.96
N LYS D 311 31.57 13.66 -5.94
CA LYS D 311 32.69 14.34 -5.26
C LYS D 311 33.85 14.35 -6.24
N VAL D 312 34.14 15.52 -6.79
CA VAL D 312 35.22 15.67 -7.75
C VAL D 312 36.54 15.11 -7.26
N ARG D 313 36.99 14.06 -7.92
CA ARG D 313 38.23 13.39 -7.58
C ARG D 313 39.46 14.25 -7.85
N GLN D 314 40.27 14.49 -6.83
CA GLN D 314 41.47 15.28 -7.04
C GLN D 314 42.55 14.34 -7.54
N THR D 315 42.92 13.37 -6.71
CA THR D 315 43.96 12.38 -7.05
C THR D 315 43.46 11.35 -8.05
N PRO D 316 44.38 10.55 -8.63
CA PRO D 316 43.96 9.54 -9.58
C PRO D 316 43.23 8.42 -8.84
N CYS D 317 42.52 7.58 -9.59
CA CYS D 317 41.76 6.49 -9.01
C CYS D 317 42.59 5.21 -8.85
N ASN D 318 42.53 4.56 -7.70
CA ASN D 318 43.29 3.33 -7.50
C ASN D 318 42.40 2.27 -6.85
N CYS D 319 41.20 2.09 -7.39
CA CYS D 319 40.26 1.12 -6.84
C CYS D 319 40.74 -0.30 -7.06
N SER D 320 39.82 -1.25 -6.95
CA SER D 320 40.16 -2.65 -7.13
C SER D 320 39.56 -3.19 -8.43
N TYR D 321 39.30 -2.31 -9.38
CA TYR D 321 38.69 -2.70 -10.64
C TYR D 321 39.39 -2.06 -11.86
N PRO D 322 40.71 -2.27 -11.99
CA PRO D 322 41.48 -1.71 -13.11
C PRO D 322 40.96 -1.94 -14.51
N LEU D 323 40.34 -3.09 -14.72
CA LEU D 323 39.83 -3.35 -16.04
C LEU D 323 38.87 -2.23 -16.48
N VAL D 324 38.18 -1.59 -15.54
CA VAL D 324 37.21 -0.55 -15.92
C VAL D 324 37.48 0.83 -15.37
N CYS D 325 38.71 1.00 -14.89
CA CYS D 325 39.18 2.25 -14.30
C CYS D 325 40.04 3.01 -15.28
N ASP D 326 39.55 4.14 -15.76
CA ASP D 326 40.30 4.93 -16.75
C ASP D 326 41.62 5.46 -16.20
N SER D 327 41.57 5.98 -14.98
CA SER D 327 42.75 6.52 -14.34
C SER D 327 43.87 5.47 -14.27
N GLN D 328 43.52 4.18 -14.26
CA GLN D 328 44.55 3.15 -14.20
C GLN D 328 44.91 2.62 -15.58
N ARG D 329 43.89 2.37 -16.40
CA ARG D 329 44.12 1.84 -17.74
C ARG D 329 45.01 2.77 -18.56
N LYS D 330 45.04 4.04 -18.17
CA LYS D 330 45.86 5.04 -18.87
C LYS D 330 47.34 4.67 -18.75
N GLU D 331 47.67 3.92 -17.71
CA GLU D 331 49.05 3.51 -17.47
C GLU D 331 49.59 2.57 -18.53
N ASN D 332 49.05 1.34 -18.53
CA ASN D 332 49.48 0.30 -19.45
C ASN D 332 49.36 0.70 -20.91
N LEU D 333 48.28 1.36 -21.28
CA LEU D 333 48.08 1.81 -22.66
C LEU D 333 47.67 0.68 -23.60
N TYR D 334 47.97 -0.55 -23.21
CA TYR D 334 47.60 -1.70 -24.04
C TYR D 334 46.10 -1.87 -23.99
N PHE D 335 45.48 -1.24 -23.01
CA PHE D 335 44.03 -1.32 -22.87
C PHE D 335 43.31 -0.45 -23.90
N GLN D 336 43.37 -0.85 -25.16
CA GLN D 336 42.73 -0.12 -26.26
C GLN D 336 41.60 -0.93 -26.93
ZN ZN E . -37.31 -6.28 11.89
MN MN F . -23.28 -9.88 11.10
C1 AKG G . -21.46 -12.00 10.14
O1 AKG G . -20.89 -12.95 9.66
O2 AKG G . -22.78 -11.84 9.91
C2 AKG G . -20.71 -10.97 11.00
O5 AKG G . -20.73 -9.81 10.65
C3 AKG G . -19.93 -11.42 12.25
C4 AKG G . -19.41 -10.24 13.11
C5 AKG G . -17.97 -10.48 13.59
O3 AKG G . -17.02 -10.33 12.85
O4 AKG G . -17.74 -10.87 14.85
ZN ZN H . -21.46 53.88 13.87
MN MN I . -8.04 49.82 17.77
C1 AKG J . -5.37 50.59 18.90
O1 AKG J . -6.35 51.29 18.79
O2 AKG J . -4.37 50.93 19.74
C2 AKG J . -5.28 49.32 18.12
O5 AKG J . -6.09 49.11 17.26
C3 AKG J . -4.16 48.32 18.38
C4 AKG J . -3.34 48.04 17.11
C5 AKG J . -1.88 47.84 17.43
O3 AKG J . -1.41 48.21 18.47
O4 AKG J . -1.11 47.22 16.53
ZN ZN K . 21.23 -56.41 -18.31
MN MN L . 7.06 -51.92 -16.44
C1 AKG M . 4.18 -52.61 -15.51
O1 AKG M . 3.19 -53.02 -14.93
O2 AKG M . 5.31 -53.37 -15.49
C2 AKG M . 4.17 -51.29 -16.22
O5 AKG M . 4.73 -50.36 -15.72
C3 AKG M . 3.47 -51.12 -17.57
C4 AKG M . 1.97 -50.81 -17.38
C5 AKG M . 1.63 -49.39 -17.82
O3 AKG M . 1.27 -48.57 -17.02
O4 AKG M . 1.72 -49.05 -19.12
ZN ZN N . 39.02 2.94 -10.49
MN MN O . 25.52 7.47 -13.80
C1 AKG P . 24.09 10.01 -14.22
O1 AKG P . 25.28 9.78 -14.25
O2 AKG P . 23.64 11.25 -14.56
C2 AKG P . 23.10 8.93 -13.82
O5 AKG P . 23.08 7.90 -14.45
C3 AKG P . 22.16 9.11 -12.63
C4 AKG P . 20.87 9.86 -13.03
C5 AKG P . 19.59 9.13 -12.58
O3 AKG P . 18.65 9.06 -13.31
O4 AKG P . 19.53 8.56 -11.38
#